data_4ZI8
#
_entry.id   4ZI8
#
_cell.length_a   44.123
_cell.length_b   82.286
_cell.length_c   237.690
_cell.angle_alpha   90.00
_cell.angle_beta   90.00
_cell.angle_gamma   90.00
#
_symmetry.space_group_name_H-M   'P 21 21 21'
#
loop_
_entity.id
_entity.type
_entity.pdbx_description
1 polymer 'Protein Pcdhgc3'
2 non-polymer 'CALCIUM ION'
3 non-polymer 'CHLORIDE ION'
4 non-polymer (4S)-2-METHYL-2,4-PENTANEDIOL
5 non-polymer 'SODIUM ION'
6 non-polymer '4-(2-HYDROXYETHYL)-1-PIPERAZINE ETHANESULFONIC ACID'
7 water water
#
_entity_poly.entity_id   1
_entity_poly.type   'polypeptide(L)'
_entity_poly.pdbx_seq_one_letter_code
;MGSDKIHHHHHHENLYFQGSTIIHYEILEERERGFPVGNVVTDLGLDLGSLSARRLRVVSGASRRFFEVNWETGEMFVND
RLDREELCGTLPSCTVTLELVVENPLELFSAEVVVQDINDNNPSFPTGEMKLEISEALAPGTRFPLESAHDPDVGSNSLQ
TYELSHNEYFALRVQTREDGTKYAELVLERALDWEREPSVQLVLTALDGGTPARSATLPIRITVLDANDNAPAFNQSLYR
ARVREDAPPGTRVAQVLATDLDEGLNGEIVYSFGSHNRAGVRELFALDLVTGVLTIKGRLDFEDTKLHEIYIQAKDKGAN
PEGAHCKVLVEVVD
;
_entity_poly.pdbx_strand_id   A,B
#
# COMPACT_ATOMS: atom_id res chain seq x y z
N ILE A 22 -2.15 37.11 52.03
CA ILE A 22 -2.59 35.95 51.26
C ILE A 22 -2.51 34.64 52.05
N ILE A 23 -3.66 34.04 52.32
CA ILE A 23 -3.76 32.73 52.98
C ILE A 23 -3.80 31.58 51.97
N HIS A 24 -3.18 30.46 52.30
CA HIS A 24 -3.06 29.37 51.35
C HIS A 24 -3.65 28.06 51.87
N TYR A 25 -4.63 27.50 51.16
CA TYR A 25 -5.23 26.21 51.50
C TYR A 25 -5.08 25.22 50.34
N GLU A 26 -5.15 23.92 50.63
CA GLU A 26 -5.20 22.92 49.56
C GLU A 26 -6.22 21.85 49.90
N ILE A 27 -7.07 21.53 48.93
CA ILE A 27 -8.07 20.48 49.09
C ILE A 27 -8.15 19.60 47.84
N LEU A 28 -8.65 18.38 48.00
CA LEU A 28 -8.95 17.55 46.84
C LEU A 28 -10.12 18.16 46.10
N GLU A 29 -10.14 18.05 44.77
CA GLU A 29 -11.32 18.43 44.01
C GLU A 29 -12.50 17.57 44.43
N GLU A 30 -13.70 17.99 44.05
CA GLU A 30 -14.92 17.19 44.18
C GLU A 30 -15.32 16.87 45.62
N ARG A 31 -14.90 17.69 46.58
CA ARG A 31 -15.35 17.49 47.97
C ARG A 31 -16.83 17.86 48.08
N GLU A 32 -17.53 17.18 48.99
CA GLU A 32 -18.94 17.41 49.28
C GLU A 32 -19.23 18.86 49.70
N ARG A 33 -20.45 19.34 49.50
CA ARG A 33 -20.85 20.63 50.07
C ARG A 33 -20.61 20.56 51.57
N GLY A 34 -20.01 21.59 52.14
CA GLY A 34 -19.90 21.64 53.60
C GLY A 34 -18.50 21.29 54.02
N PHE A 35 -17.70 20.75 53.10
CA PHE A 35 -16.37 20.31 53.43
C PHE A 35 -15.52 21.47 53.93
N PRO A 36 -14.84 21.30 55.08
CA PRO A 36 -14.11 22.43 55.69
C PRO A 36 -12.84 22.77 54.91
N VAL A 37 -12.62 24.04 54.61
CA VAL A 37 -11.40 24.47 53.90
C VAL A 37 -10.39 25.11 54.88
N GLY A 38 -10.88 25.99 55.74
CA GLY A 38 -10.02 26.61 56.75
C GLY A 38 -10.84 27.45 57.68
N ASN A 39 -10.18 28.11 58.64
CA ASN A 39 -10.89 28.91 59.63
C ASN A 39 -10.37 30.34 59.79
N VAL A 40 -11.26 31.33 59.74
CA VAL A 40 -10.85 32.73 59.77
C VAL A 40 -10.38 33.18 61.16
N VAL A 41 -10.90 32.56 62.21
CA VAL A 41 -10.42 32.89 63.54
C VAL A 41 -8.97 32.47 63.60
N THR A 42 -8.74 31.21 63.32
CA THR A 42 -7.43 30.67 63.41
C THR A 42 -6.48 31.31 62.40
N ASP A 43 -6.94 31.63 61.19
CA ASP A 43 -5.99 31.94 60.12
C ASP A 43 -5.91 33.41 59.77
N LEU A 44 -7.00 34.13 59.96
CA LEU A 44 -7.02 35.55 59.63
C LEU A 44 -6.99 36.39 60.90
N GLY A 45 -7.04 35.74 62.06
CA GLY A 45 -6.96 36.44 63.33
C GLY A 45 -8.20 37.25 63.70
N LEU A 46 -9.33 36.94 63.06
CA LEU A 46 -10.56 37.62 63.38
C LEU A 46 -11.08 37.11 64.72
N ASP A 47 -11.92 37.90 65.39
CA ASP A 47 -12.54 37.49 66.65
C ASP A 47 -13.86 36.79 66.37
N LEU A 48 -14.04 35.59 66.92
CA LEU A 48 -15.24 34.80 66.62
C LEU A 48 -16.54 35.51 67.02
N GLY A 49 -16.53 36.18 68.17
CA GLY A 49 -17.71 36.87 68.65
C GLY A 49 -18.16 38.02 67.75
N SER A 50 -17.33 38.43 66.80
CA SER A 50 -17.55 39.66 66.05
C SER A 50 -18.01 39.43 64.61
N LEU A 51 -18.03 38.17 64.18
CA LEU A 51 -18.20 37.88 62.76
C LEU A 51 -19.50 38.43 62.20
N SER A 52 -20.57 38.28 62.96
CA SER A 52 -21.87 38.77 62.52
C SER A 52 -21.83 40.28 62.41
N ALA A 53 -21.28 40.90 63.45
CA ALA A 53 -21.17 42.35 63.52
C ALA A 53 -20.26 42.91 62.45
N ARG A 54 -19.20 42.18 62.10
CA ARG A 54 -18.31 42.63 61.03
C ARG A 54 -18.79 42.16 59.65
N ARG A 55 -19.88 41.40 59.65
CA ARG A 55 -20.54 40.94 58.43
C ARG A 55 -19.58 40.21 57.50
N LEU A 56 -18.83 39.28 58.06
CA LEU A 56 -17.87 38.51 57.28
C LEU A 56 -18.53 37.84 56.07
N ARG A 57 -17.94 38.02 54.90
CA ARG A 57 -18.51 37.44 53.70
C ARG A 57 -17.45 37.02 52.70
N VAL A 58 -17.77 36.00 51.92
CA VAL A 58 -16.95 35.59 50.78
C VAL A 58 -17.30 36.44 49.56
N VAL A 59 -16.30 36.99 48.90
CA VAL A 59 -16.48 37.72 47.66
C VAL A 59 -16.14 36.79 46.51
N SER A 60 -17.12 36.49 45.67
CA SER A 60 -16.92 35.53 44.57
C SER A 60 -16.79 36.18 43.19
N GLY A 61 -17.12 37.47 43.05
CA GLY A 61 -17.12 38.13 41.75
C GLY A 61 -18.19 37.56 40.86
N ALA A 62 -17.92 37.46 39.56
CA ALA A 62 -18.84 36.82 38.62
C ALA A 62 -18.65 35.29 38.55
N SER A 63 -17.68 34.79 39.32
CA SER A 63 -17.39 33.39 39.34
C SER A 63 -18.37 32.66 40.23
N ARG A 64 -18.26 31.34 40.29
CA ARG A 64 -19.21 30.57 41.10
C ARG A 64 -18.96 30.75 42.58
N ARG A 65 -20.00 30.54 43.38
CA ARG A 65 -19.87 30.64 44.84
C ARG A 65 -19.25 29.35 45.37
N PHE A 66 -17.97 29.16 45.10
CA PHE A 66 -17.32 27.91 45.47
C PHE A 66 -17.21 27.71 46.97
N PHE A 67 -17.18 28.82 47.71
CA PHE A 67 -16.87 28.81 49.13
C PHE A 67 -17.86 29.65 49.86
N GLU A 68 -18.16 29.27 51.10
CA GLU A 68 -19.01 30.08 51.94
C GLU A 68 -18.36 30.07 53.34
N VAL A 69 -18.80 30.95 54.23
CA VAL A 69 -18.22 31.01 55.56
C VAL A 69 -19.32 30.79 56.60
N ASN A 70 -18.99 30.08 57.68
CA ASN A 70 -19.90 29.85 58.79
C ASN A 70 -19.65 30.88 59.91
N TRP A 71 -20.60 31.78 60.15
CA TRP A 71 -20.44 32.79 61.21
C TRP A 71 -20.32 32.23 62.62
N GLU A 72 -20.86 31.04 62.84
CA GLU A 72 -20.93 30.50 64.19
C GLU A 72 -19.59 29.90 64.59
N THR A 73 -18.85 29.41 63.59
CA THR A 73 -17.61 28.68 63.86
C THR A 73 -16.38 29.35 63.27
N GLY A 74 -16.59 30.26 62.33
CA GLY A 74 -15.48 30.84 61.61
C GLY A 74 -14.96 30.02 60.44
N GLU A 75 -15.55 28.85 60.22
CA GLU A 75 -15.04 27.96 59.19
C GLU A 75 -15.46 28.37 57.77
N MET A 76 -14.50 28.36 56.84
CA MET A 76 -14.78 28.49 55.41
CA MET A 76 -14.77 28.49 55.42
C MET A 76 -14.94 27.08 54.86
N PHE A 77 -15.90 26.91 53.97
CA PHE A 77 -16.22 25.57 53.53
C PHE A 77 -16.67 25.54 52.08
N VAL A 78 -16.72 24.33 51.53
CA VAL A 78 -17.04 24.12 50.11
C VAL A 78 -18.51 24.32 49.90
N ASN A 79 -18.85 25.22 49.00
CA ASN A 79 -20.24 25.57 48.78
C ASN A 79 -20.76 25.20 47.37
N ASP A 80 -19.87 24.83 46.45
CA ASP A 80 -20.30 24.42 45.12
C ASP A 80 -19.25 23.44 44.57
N ARG A 81 -19.59 22.78 43.46
CA ARG A 81 -18.73 21.71 42.96
C ARG A 81 -17.43 22.29 42.43
N LEU A 82 -16.34 21.77 42.93
CA LEU A 82 -15.00 22.13 42.46
C LEU A 82 -14.47 20.97 41.61
N ASP A 83 -14.67 21.05 40.31
CA ASP A 83 -14.23 20.01 39.38
C ASP A 83 -12.96 20.51 38.76
N ARG A 84 -11.82 19.93 39.15
CA ARG A 84 -10.52 20.36 38.61
C ARG A 84 -10.45 20.31 37.07
N GLU A 85 -11.08 19.32 36.45
CA GLU A 85 -11.06 19.24 34.98
C GLU A 85 -11.79 20.43 34.36
N GLU A 86 -12.93 20.82 34.90
CA GLU A 86 -13.63 22.01 34.36
C GLU A 86 -12.82 23.28 34.61
N LEU A 87 -12.25 23.39 35.80
CA LEU A 87 -11.56 24.62 36.21
C LEU A 87 -10.21 24.85 35.51
N CYS A 88 -9.43 23.77 35.39
CA CYS A 88 -8.03 23.91 35.01
C CYS A 88 -7.53 22.97 33.90
N GLY A 89 -8.43 22.15 33.35
CA GLY A 89 -8.05 21.36 32.17
C GLY A 89 -6.84 20.49 32.49
N THR A 90 -5.79 20.56 31.68
CA THR A 90 -4.59 19.76 31.91
C THR A 90 -3.45 20.56 32.54
N LEU A 91 -3.75 21.73 33.10
CA LEU A 91 -2.74 22.48 33.84
C LEU A 91 -2.22 21.62 35.00
N PRO A 92 -0.91 21.67 35.27
CA PRO A 92 -0.35 20.81 36.31
C PRO A 92 -0.79 21.20 37.72
N SER A 93 -1.23 22.45 37.87
CA SER A 93 -1.62 22.99 39.16
C SER A 93 -2.93 23.75 38.96
N CYS A 94 -3.79 23.77 39.97
CA CYS A 94 -5.10 24.38 39.82
C CYS A 94 -5.43 25.20 41.05
N THR A 95 -5.59 26.50 40.90
CA THR A 95 -5.83 27.37 42.05
C THR A 95 -7.09 28.18 41.86
N VAL A 96 -7.94 28.22 42.87
CA VAL A 96 -9.13 29.03 42.87
C VAL A 96 -8.90 30.16 43.88
N THR A 97 -9.18 31.38 43.46
CA THR A 97 -8.97 32.52 44.36
C THR A 97 -10.31 33.05 44.80
N LEU A 98 -10.26 33.85 45.84
CA LEU A 98 -11.43 34.45 46.38
C LEU A 98 -10.99 35.58 47.25
N GLU A 99 -11.96 36.26 47.85
CA GLU A 99 -11.67 37.26 48.83
C GLU A 99 -12.62 37.06 49.98
N LEU A 100 -12.27 37.63 51.12
CA LEU A 100 -13.17 37.73 52.25
C LEU A 100 -13.18 39.19 52.60
N VAL A 101 -14.37 39.71 52.89
CA VAL A 101 -14.51 41.09 53.31
C VAL A 101 -15.14 41.13 54.70
N VAL A 102 -14.66 42.04 55.56
CA VAL A 102 -15.32 42.32 56.81
C VAL A 102 -15.49 43.84 56.94
N GLU A 103 -16.40 44.27 57.79
CA GLU A 103 -16.58 45.68 58.00
C GLU A 103 -16.26 46.06 59.44
N ASN A 104 -16.29 47.36 59.73
CA ASN A 104 -16.06 47.85 61.08
C ASN A 104 -14.77 47.38 61.73
N PRO A 105 -13.63 47.73 61.16
CA PRO A 105 -13.42 48.51 59.93
C PRO A 105 -13.43 47.63 58.69
N LEU A 106 -13.51 48.27 57.53
CA LEU A 106 -13.53 47.54 56.29
C LEU A 106 -12.17 46.95 55.98
N GLU A 107 -12.13 45.63 55.80
CA GLU A 107 -10.90 44.97 55.40
C GLU A 107 -11.19 43.91 54.36
N LEU A 108 -10.25 43.73 53.45
CA LEU A 108 -10.31 42.67 52.46
C LEU A 108 -9.16 41.71 52.63
N PHE A 109 -9.45 40.42 52.71
CA PHE A 109 -8.43 39.39 52.81
C PHE A 109 -8.46 38.52 51.56
N SER A 110 -7.29 38.22 50.99
CA SER A 110 -7.17 37.33 49.83
C SER A 110 -6.73 35.94 50.25
N ALA A 111 -7.36 34.93 49.67
CA ALA A 111 -6.93 33.58 49.92
C ALA A 111 -6.90 32.78 48.62
N GLU A 112 -6.11 31.73 48.62
CA GLU A 112 -6.11 30.87 47.45
C GLU A 112 -6.20 29.42 47.88
N VAL A 113 -7.03 28.67 47.19
CA VAL A 113 -7.25 27.27 47.47
C VAL A 113 -6.70 26.46 46.30
N VAL A 114 -5.64 25.69 46.53
CA VAL A 114 -5.19 24.73 45.52
C VAL A 114 -6.17 23.55 45.48
N VAL A 115 -6.63 23.22 44.27
CA VAL A 115 -7.60 22.15 44.05
C VAL A 115 -6.85 20.96 43.46
N GLN A 116 -6.61 19.93 44.25
CA GLN A 116 -5.77 18.79 43.85
C GLN A 116 -6.53 17.76 43.03
N ASP A 117 -5.88 17.23 42.00
CA ASP A 117 -6.52 16.23 41.14
C ASP A 117 -6.82 14.93 41.88
N ILE A 118 -7.98 14.34 41.61
CA ILE A 118 -8.21 12.93 41.92
C ILE A 118 -8.51 12.20 40.59
N ASN A 119 -8.39 10.87 40.64
CA ASN A 119 -8.58 10.07 39.45
C ASN A 119 -10.04 9.77 39.23
N ASP A 120 -10.81 10.78 38.85
CA ASP A 120 -12.23 10.58 38.68
C ASP A 120 -12.61 10.47 37.22
N ASN A 121 -11.65 10.32 36.33
CA ASN A 121 -11.97 10.06 34.92
C ASN A 121 -11.23 8.87 34.34
N ASN A 122 -11.96 8.08 33.54
CA ASN A 122 -11.35 7.06 32.68
C ASN A 122 -10.70 7.70 31.48
N PRO A 123 -9.73 7.00 30.86
CA PRO A 123 -9.34 7.38 29.51
C PRO A 123 -10.55 7.20 28.62
N SER A 124 -10.60 7.87 27.48
CA SER A 124 -11.62 7.52 26.51
C SER A 124 -11.12 7.67 25.08
N PHE A 125 -11.64 6.82 24.20
CA PHE A 125 -11.35 6.93 22.79
C PHE A 125 -12.44 7.75 22.13
N PRO A 126 -12.11 8.49 21.06
CA PRO A 126 -13.09 9.36 20.42
C PRO A 126 -14.16 8.59 19.61
N THR A 127 -13.88 7.35 19.24
CA THR A 127 -14.85 6.56 18.51
C THR A 127 -15.10 5.27 19.24
N GLY A 128 -16.15 4.56 18.84
CA GLY A 128 -16.48 3.29 19.45
C GLY A 128 -15.71 2.13 18.84
N GLU A 129 -15.10 2.34 17.68
CA GLU A 129 -14.29 1.30 17.08
C GLU A 129 -13.42 1.84 15.98
N MET A 130 -12.37 1.10 15.68
CA MET A 130 -11.48 1.47 14.61
C MET A 130 -11.51 0.40 13.53
N LYS A 131 -11.81 0.79 12.30
CA LYS A 131 -11.74 -0.19 11.23
C LYS A 131 -10.50 0.09 10.39
N LEU A 132 -9.80 -0.97 10.02
CA LEU A 132 -8.64 -0.86 9.15
C LEU A 132 -8.76 -1.83 7.98
N GLU A 133 -8.32 -1.38 6.81
CA GLU A 133 -8.17 -2.23 5.64
C GLU A 133 -6.68 -2.43 5.36
N ILE A 134 -6.22 -3.68 5.33
CA ILE A 134 -4.80 -3.92 5.18
C ILE A 134 -4.53 -5.03 4.17
N SER A 135 -3.74 -4.74 3.14
CA SER A 135 -3.40 -5.75 2.15
C SER A 135 -2.57 -6.87 2.75
N GLU A 136 -2.89 -8.10 2.37
CA GLU A 136 -2.08 -9.21 2.78
C GLU A 136 -0.71 -9.09 2.15
N ALA A 137 -0.55 -8.18 1.20
CA ALA A 137 0.74 -8.03 0.54
C ALA A 137 1.70 -7.10 1.30
N LEU A 138 1.26 -6.46 2.39
CA LEU A 138 2.14 -5.60 3.18
C LEU A 138 3.20 -6.42 3.90
N ALA A 139 4.45 -6.02 3.76
CA ALA A 139 5.55 -6.74 4.40
C ALA A 139 5.48 -6.54 5.90
N PRO A 140 5.99 -7.54 6.66
CA PRO A 140 6.23 -7.36 8.09
C PRO A 140 7.10 -6.14 8.29
N GLY A 141 6.93 -5.45 9.40
CA GLY A 141 7.65 -4.24 9.64
C GLY A 141 6.77 -3.04 9.43
N THR A 142 5.71 -3.19 8.63
CA THR A 142 4.78 -2.07 8.47
C THR A 142 4.11 -1.64 9.78
N ARG A 143 4.05 -0.33 10.02
CA ARG A 143 3.47 0.19 11.25
C ARG A 143 2.20 0.99 11.00
N PHE A 144 1.24 0.91 11.91
CA PHE A 144 -0.07 1.54 11.79
C PHE A 144 -0.42 2.23 13.10
N PRO A 145 -0.43 3.57 13.12
CA PRO A 145 -0.83 4.28 14.34
C PRO A 145 -2.30 4.07 14.61
N LEU A 146 -2.67 3.87 15.88
CA LEU A 146 -4.06 3.68 16.27
C LEU A 146 -4.64 4.96 16.87
N GLU A 147 -5.98 5.03 16.87
CA GLU A 147 -6.73 6.07 17.56
C GLU A 147 -6.16 6.29 18.96
N SER A 148 -5.88 7.54 19.33
CA SER A 148 -5.40 7.88 20.68
C SER A 148 -6.54 7.93 21.70
N ALA A 149 -6.23 7.59 22.95
CA ALA A 149 -7.17 7.81 24.05
C ALA A 149 -6.80 9.10 24.76
N HIS A 150 -7.78 9.72 25.39
CA HIS A 150 -7.52 10.91 26.18
C HIS A 150 -8.09 10.72 27.58
N ASP A 151 -7.35 11.21 28.55
CA ASP A 151 -7.75 11.17 29.96
C ASP A 151 -7.59 12.60 30.47
N PRO A 152 -8.67 13.20 30.96
CA PRO A 152 -8.68 14.62 31.35
C PRO A 152 -8.06 14.94 32.73
N ASP A 153 -7.76 13.92 33.52
CA ASP A 153 -7.02 14.06 34.77
C ASP A 153 -5.55 14.43 34.48
N VAL A 154 -4.79 14.67 35.54
CA VAL A 154 -3.39 15.07 35.36
C VAL A 154 -2.42 14.19 36.12
N GLY A 155 -1.12 14.40 35.86
CA GLY A 155 -0.07 13.65 36.49
C GLY A 155 -0.31 12.18 36.28
N SER A 156 -0.16 11.42 37.35
CA SER A 156 -0.29 9.97 37.29
C SER A 156 -1.66 9.52 36.88
N ASN A 157 -2.67 10.38 37.04
CA ASN A 157 -4.06 10.01 36.76
C ASN A 157 -4.49 10.16 35.31
N SER A 158 -3.57 10.73 34.53
CA SER A 158 -3.75 10.86 33.09
C SER A 158 -3.29 9.57 32.41
N LEU A 159 -3.37 9.56 31.09
CA LEU A 159 -3.04 8.37 30.31
C LEU A 159 -1.62 7.91 30.57
N GLN A 160 -1.47 6.64 30.86
CA GLN A 160 -0.14 6.08 31.07
C GLN A 160 0.35 5.21 29.90
N THR A 161 -0.43 4.22 29.48
CA THR A 161 0.04 3.37 28.41
C THR A 161 -1.14 2.68 27.72
N TYR A 162 -0.82 1.80 26.80
CA TYR A 162 -1.81 1.00 26.13
C TYR A 162 -1.40 -0.44 26.19
N GLU A 163 -2.39 -1.35 26.05
CA GLU A 163 -2.10 -2.75 25.93
C GLU A 163 -2.89 -3.28 24.73
N LEU A 164 -2.38 -4.33 24.09
CA LEU A 164 -3.05 -4.92 22.95
C LEU A 164 -3.41 -6.34 23.27
N SER A 165 -4.56 -6.80 22.83
CA SER A 165 -4.93 -8.19 23.03
C SER A 165 -3.97 -9.13 22.29
N HIS A 166 -3.81 -10.33 22.84
CA HIS A 166 -2.91 -11.32 22.25
C HIS A 166 -3.35 -11.66 20.83
N ASN A 167 -2.42 -11.69 19.88
CA ASN A 167 -2.79 -11.98 18.50
C ASN A 167 -1.64 -12.54 17.70
N GLU A 168 -1.93 -13.03 16.51
CA GLU A 168 -0.92 -13.75 15.76
C GLU A 168 -0.14 -12.88 14.78
N TYR A 169 -0.46 -11.58 14.69
CA TYR A 169 0.11 -10.77 13.61
C TYR A 169 0.88 -9.53 14.05
N PHE A 170 0.32 -8.82 15.02
CA PHE A 170 0.81 -7.48 15.39
C PHE A 170 1.39 -7.40 16.80
N ALA A 171 2.55 -6.74 16.90
CA ALA A 171 3.06 -6.28 18.18
C ALA A 171 2.63 -4.84 18.38
N LEU A 172 2.65 -4.41 19.63
CA LEU A 172 2.30 -3.03 20.01
C LEU A 172 3.53 -2.24 20.41
N ARG A 173 3.64 -1.01 19.92
CA ARG A 173 4.61 -0.09 20.47
C ARG A 173 3.84 1.11 20.95
N VAL A 174 4.18 1.57 22.14
CA VAL A 174 3.59 2.80 22.66
C VAL A 174 4.63 3.89 22.53
N GLN A 175 4.27 4.97 21.86
CA GLN A 175 5.20 6.05 21.60
C GLN A 175 4.81 7.22 22.45
N THR A 176 5.80 7.94 22.97
CA THR A 176 5.55 9.17 23.73
C THR A 176 5.98 10.36 22.90
N ARG A 177 5.06 11.29 22.64
CA ARG A 177 5.44 12.45 21.83
C ARG A 177 6.20 13.45 22.70
N GLU A 178 6.75 14.48 22.07
CA GLU A 178 7.55 15.45 22.81
C GLU A 178 6.75 16.19 23.90
N ASP A 179 5.44 16.36 23.69
CA ASP A 179 4.61 17.04 24.68
C ASP A 179 4.10 16.07 25.74
N GLY A 180 4.63 14.85 25.73
CA GLY A 180 4.29 13.87 26.74
C GLY A 180 3.08 12.99 26.45
N THR A 181 2.34 13.30 25.39
CA THR A 181 1.17 12.49 25.07
C THR A 181 1.61 11.19 24.40
N LYS A 182 0.74 10.20 24.46
CA LYS A 182 1.07 8.87 24.04
C LYS A 182 0.07 8.33 23.03
N TYR A 183 0.58 7.56 22.09
CA TYR A 183 -0.29 6.81 21.18
C TYR A 183 0.27 5.43 20.94
N ALA A 184 -0.59 4.52 20.50
CA ALA A 184 -0.16 3.17 20.21
C ALA A 184 0.02 2.97 18.69
N GLU A 185 0.96 2.10 18.37
CA GLU A 185 1.29 1.74 17.00
C GLU A 185 1.19 0.25 16.89
N LEU A 186 0.47 -0.28 15.90
CA LEU A 186 0.64 -1.70 15.56
C LEU A 186 1.88 -1.87 14.72
N VAL A 187 2.59 -2.96 14.94
CA VAL A 187 3.73 -3.31 14.12
C VAL A 187 3.49 -4.70 13.56
N LEU A 188 3.35 -4.80 12.25
CA LEU A 188 3.08 -6.10 11.63
C LEU A 188 4.32 -6.98 11.79
N GLU A 189 4.17 -8.09 12.48
CA GLU A 189 5.28 -9.03 12.72
C GLU A 189 5.22 -10.26 11.80
N ARG A 190 3.99 -10.72 11.51
CA ARG A 190 3.79 -11.85 10.59
C ARG A 190 2.80 -11.43 9.52
N ALA A 191 3.03 -11.87 8.28
CA ALA A 191 2.18 -11.40 7.18
C ALA A 191 0.74 -11.82 7.39
N LEU A 192 -0.21 -10.98 6.98
CA LEU A 192 -1.61 -11.35 6.91
C LEU A 192 -1.82 -12.28 5.70
N ASP A 193 -2.88 -13.07 5.73
CA ASP A 193 -3.16 -14.07 4.70
C ASP A 193 -4.65 -14.07 4.48
N TRP A 194 -5.11 -13.41 3.42
CA TRP A 194 -6.53 -13.31 3.18
C TRP A 194 -7.15 -14.70 2.98
N GLU A 195 -6.42 -15.60 2.32
CA GLU A 195 -6.94 -16.94 2.07
C GLU A 195 -7.19 -17.69 3.39
N ARG A 196 -6.32 -17.46 4.38
CA ARG A 196 -6.46 -18.18 5.64
C ARG A 196 -7.33 -17.44 6.67
N GLU A 197 -7.15 -16.13 6.80
CA GLU A 197 -7.90 -15.38 7.79
C GLU A 197 -8.18 -13.96 7.31
N PRO A 198 -9.30 -13.76 6.61
CA PRO A 198 -9.64 -12.47 6.01
C PRO A 198 -10.07 -11.40 7.00
N SER A 199 -10.26 -11.76 8.26
CA SER A 199 -10.69 -10.80 9.27
C SER A 199 -9.98 -11.05 10.59
N VAL A 200 -9.34 -10.00 11.11
CA VAL A 200 -8.66 -10.09 12.39
C VAL A 200 -9.23 -9.07 13.38
N GLN A 201 -9.58 -9.55 14.57
CA GLN A 201 -10.13 -8.69 15.61
C GLN A 201 -9.11 -8.50 16.71
N LEU A 202 -8.86 -7.25 17.06
CA LEU A 202 -8.01 -6.93 18.19
C LEU A 202 -8.74 -6.03 19.16
N VAL A 203 -8.19 -5.91 20.37
CA VAL A 203 -8.69 -4.94 21.35
C VAL A 203 -7.51 -4.13 21.88
N LEU A 204 -7.63 -2.82 21.74
CA LEU A 204 -6.70 -1.88 22.34
C LEU A 204 -7.27 -1.37 23.66
N THR A 205 -6.51 -1.51 24.73
CA THR A 205 -6.90 -0.97 26.03
C THR A 205 -6.03 0.24 26.34
N ALA A 206 -6.63 1.33 26.74
CA ALA A 206 -5.89 2.47 27.22
C ALA A 206 -5.94 2.45 28.74
N LEU A 207 -4.82 2.71 29.41
CA LEU A 207 -4.79 2.68 30.87
C LEU A 207 -4.28 4.00 31.41
N ASP A 208 -4.88 4.49 32.49
CA ASP A 208 -4.27 5.66 33.13
C ASP A 208 -3.32 5.12 34.19
N GLY A 209 -2.58 6.00 34.86
CA GLY A 209 -1.64 5.52 35.85
C GLY A 209 -2.15 5.63 37.27
N GLY A 210 -3.46 5.60 37.41
CA GLY A 210 -4.05 5.66 38.74
C GLY A 210 -3.86 4.37 39.53
N THR A 211 -4.13 4.45 40.83
CA THR A 211 -4.13 3.29 41.68
C THR A 211 -5.45 3.25 42.40
N PRO A 212 -6.35 2.35 41.96
CA PRO A 212 -6.17 1.43 40.85
C PRO A 212 -6.27 2.12 39.48
N ALA A 213 -5.79 1.44 38.45
CA ALA A 213 -5.80 2.02 37.12
C ALA A 213 -7.22 2.10 36.56
N ARG A 214 -7.50 3.14 35.78
CA ARG A 214 -8.76 3.19 35.04
C ARG A 214 -8.42 2.90 33.58
N SER A 215 -9.39 2.41 32.82
CA SER A 215 -9.15 2.00 31.46
C SER A 215 -10.33 2.25 30.56
N ALA A 216 -10.05 2.18 29.27
CA ALA A 216 -11.07 2.12 28.23
C ALA A 216 -10.60 1.15 27.15
N THR A 217 -11.52 0.65 26.36
CA THR A 217 -11.16 -0.24 25.27
C THR A 217 -11.63 0.27 23.93
N LEU A 218 -10.89 -0.13 22.89
CA LEU A 218 -11.21 0.19 21.52
C LEU A 218 -11.03 -1.06 20.67
N PRO A 219 -12.14 -1.64 20.21
CA PRO A 219 -12.10 -2.75 19.25
C PRO A 219 -11.48 -2.28 17.95
N ILE A 220 -10.61 -3.12 17.41
CA ILE A 220 -10.00 -2.83 16.13
C ILE A 220 -10.35 -3.93 15.15
N ARG A 221 -11.08 -3.56 14.09
CA ARG A 221 -11.55 -4.53 13.13
C ARG A 221 -10.69 -4.39 11.87
N ILE A 222 -9.82 -5.37 11.69
CA ILE A 222 -8.95 -5.42 10.52
C ILE A 222 -9.55 -6.27 9.44
N THR A 223 -9.85 -5.62 8.33
CA THR A 223 -10.24 -6.34 7.12
C THR A 223 -9.00 -6.54 6.25
N VAL A 224 -8.64 -7.79 6.05
CA VAL A 224 -7.53 -8.14 5.18
C VAL A 224 -7.96 -8.03 3.72
N LEU A 225 -7.19 -7.30 2.93
CA LEU A 225 -7.46 -7.18 1.50
C LEU A 225 -6.68 -8.21 0.70
N ASP A 226 -7.41 -9.01 -0.09
CA ASP A 226 -6.80 -9.98 -0.98
C ASP A 226 -5.79 -9.34 -1.90
N ALA A 227 -4.63 -9.99 -2.04
CA ALA A 227 -3.69 -9.66 -3.11
C ALA A 227 -3.52 -10.87 -4.02
N ASN A 228 -3.00 -10.63 -5.22
CA ASN A 228 -2.85 -11.68 -6.23
C ASN A 228 -1.62 -12.53 -5.92
N ASP A 229 -1.67 -13.31 -4.84
CA ASP A 229 -0.54 -14.14 -4.46
C ASP A 229 -0.76 -15.63 -4.76
N ASN A 230 -1.70 -15.94 -5.64
CA ASN A 230 -1.95 -17.31 -6.06
C ASN A 230 -2.08 -17.38 -7.56
N ALA A 231 -1.39 -18.35 -8.15
CA ALA A 231 -1.48 -18.56 -9.60
C ALA A 231 -2.67 -19.45 -9.90
N PRO A 232 -3.23 -19.33 -11.11
CA PRO A 232 -4.22 -20.32 -11.55
C PRO A 232 -3.60 -21.70 -11.54
N ALA A 233 -4.43 -22.72 -11.39
CA ALA A 233 -3.92 -24.07 -11.53
C ALA A 233 -4.94 -24.90 -12.29
N PHE A 234 -4.49 -25.57 -13.35
CA PHE A 234 -5.40 -26.41 -14.13
C PHE A 234 -5.80 -27.65 -13.36
N ASN A 235 -7.03 -28.11 -13.58
CA ASN A 235 -7.50 -29.34 -12.95
C ASN A 235 -6.67 -30.55 -13.36
N GLN A 236 -6.21 -30.54 -14.59
CA GLN A 236 -5.23 -31.52 -15.04
C GLN A 236 -4.25 -30.88 -16.01
N SER A 237 -3.07 -31.48 -16.10
CA SER A 237 -2.00 -30.97 -16.95
C SER A 237 -2.23 -31.33 -18.41
N LEU A 238 -2.90 -32.46 -18.61
CA LEU A 238 -3.05 -33.01 -19.94
C LEU A 238 -4.52 -33.32 -20.20
N TYR A 239 -5.04 -32.87 -21.32
CA TYR A 239 -6.37 -33.24 -21.77
C TYR A 239 -6.23 -34.01 -23.09
N ARG A 240 -7.00 -35.07 -23.25
CA ARG A 240 -6.98 -35.82 -24.51
C ARG A 240 -8.32 -35.79 -25.19
N ALA A 241 -8.31 -35.57 -26.49
CA ALA A 241 -9.54 -35.53 -27.26
C ALA A 241 -9.40 -36.39 -28.51
N ARG A 242 -10.51 -36.94 -28.98
CA ARG A 242 -10.57 -37.62 -30.26
C ARG A 242 -11.64 -36.96 -31.11
N VAL A 243 -11.26 -36.59 -32.33
CA VAL A 243 -12.13 -35.86 -33.23
C VAL A 243 -12.08 -36.45 -34.65
N ARG A 244 -13.25 -36.75 -35.22
CA ARG A 244 -13.33 -37.22 -36.60
C ARG A 244 -12.74 -36.17 -37.52
N GLU A 245 -11.99 -36.59 -38.53
CA GLU A 245 -11.35 -35.61 -39.40
C GLU A 245 -12.39 -34.77 -40.14
N ASP A 246 -13.60 -35.29 -40.32
CA ASP A 246 -14.64 -34.52 -41.00
C ASP A 246 -15.46 -33.61 -40.06
N ALA A 247 -15.01 -33.44 -38.81
CA ALA A 247 -15.75 -32.59 -37.88
C ALA A 247 -15.90 -31.18 -38.42
N PRO A 248 -17.12 -30.65 -38.41
CA PRO A 248 -17.39 -29.30 -38.90
C PRO A 248 -16.93 -28.19 -37.94
N PRO A 249 -16.75 -26.98 -38.47
CA PRO A 249 -16.39 -25.84 -37.62
C PRO A 249 -17.42 -25.66 -36.52
N GLY A 250 -16.94 -25.45 -35.29
CA GLY A 250 -17.81 -25.34 -34.14
C GLY A 250 -17.83 -26.59 -33.29
N THR A 251 -17.25 -27.67 -33.81
CA THR A 251 -17.24 -28.93 -33.08
C THR A 251 -16.45 -28.82 -31.79
N ARG A 252 -17.07 -29.19 -30.68
CA ARG A 252 -16.38 -29.12 -29.39
C ARG A 252 -15.31 -30.20 -29.28
N VAL A 253 -14.10 -29.79 -28.94
CA VAL A 253 -12.94 -30.67 -28.81
C VAL A 253 -12.68 -30.99 -27.33
N ALA A 254 -12.52 -29.94 -26.54
CA ALA A 254 -12.29 -30.07 -25.11
C ALA A 254 -12.74 -28.81 -24.37
N GLN A 255 -12.82 -28.91 -23.05
CA GLN A 255 -12.97 -27.74 -22.23
C GLN A 255 -11.95 -27.80 -21.11
N VAL A 256 -11.04 -26.86 -21.09
CA VAL A 256 -10.05 -26.85 -20.03
C VAL A 256 -10.54 -26.00 -18.88
N LEU A 257 -10.00 -26.25 -17.70
CA LEU A 257 -10.48 -25.57 -16.51
C LEU A 257 -9.34 -25.38 -15.53
N ALA A 258 -9.15 -24.13 -15.13
CA ALA A 258 -8.20 -23.77 -14.08
C ALA A 258 -8.96 -23.07 -12.94
N THR A 259 -8.42 -23.16 -11.73
CA THR A 259 -9.03 -22.45 -10.62
C THR A 259 -7.98 -21.56 -9.98
N ASP A 260 -8.42 -20.49 -9.33
CA ASP A 260 -7.49 -19.55 -8.72
C ASP A 260 -8.01 -19.20 -7.33
N LEU A 261 -7.14 -19.28 -6.32
CA LEU A 261 -7.59 -19.10 -4.94
C LEU A 261 -7.88 -17.65 -4.56
N ASP A 262 -7.42 -16.70 -5.36
CA ASP A 262 -7.63 -15.29 -5.02
C ASP A 262 -9.06 -14.89 -5.29
N GLU A 263 -9.47 -13.70 -4.83
CA GLU A 263 -10.82 -13.23 -5.04
C GLU A 263 -10.84 -12.18 -6.16
N GLY A 264 -12.02 -11.95 -6.72
CA GLY A 264 -12.19 -10.97 -7.76
C GLY A 264 -11.32 -11.13 -8.99
N LEU A 265 -10.86 -9.99 -9.51
CA LEU A 265 -9.99 -9.94 -10.66
C LEU A 265 -8.77 -10.83 -10.48
N ASN A 266 -8.25 -10.86 -9.26
CA ASN A 266 -7.10 -11.70 -8.90
C ASN A 266 -7.38 -13.20 -9.11
N GLY A 267 -8.65 -13.58 -9.06
CA GLY A 267 -9.01 -14.97 -9.20
C GLY A 267 -9.79 -15.26 -10.47
N GLU A 268 -9.94 -14.23 -11.31
CA GLU A 268 -10.73 -14.37 -12.52
C GLU A 268 -9.87 -14.85 -13.69
N ILE A 269 -10.22 -15.97 -14.28
CA ILE A 269 -9.30 -16.62 -15.22
C ILE A 269 -9.60 -16.36 -16.69
N VAL A 270 -8.54 -16.11 -17.44
CA VAL A 270 -8.58 -15.99 -18.89
C VAL A 270 -7.75 -17.11 -19.54
N TYR A 271 -8.36 -17.80 -20.50
CA TYR A 271 -7.66 -18.84 -21.25
C TYR A 271 -7.15 -18.31 -22.56
N SER A 272 -5.94 -18.69 -22.95
CA SER A 272 -5.42 -18.34 -24.26
C SER A 272 -4.51 -19.43 -24.77
N PHE A 273 -4.26 -19.41 -26.08
CA PHE A 273 -3.22 -20.25 -26.65
C PHE A 273 -1.85 -19.83 -26.14
N GLY A 274 -1.04 -20.80 -25.72
CA GLY A 274 0.28 -20.51 -25.18
C GLY A 274 1.27 -20.19 -26.27
N SER A 275 2.46 -19.73 -25.90
CA SER A 275 3.47 -19.45 -26.89
C SER A 275 4.10 -20.72 -27.44
N HIS A 276 3.86 -21.82 -26.76
CA HIS A 276 4.37 -23.12 -27.13
C HIS A 276 3.46 -23.76 -28.17
N ASN A 277 3.24 -23.08 -29.27
CA ASN A 277 2.35 -23.62 -30.30
C ASN A 277 2.97 -23.36 -31.64
N ARG A 278 2.57 -24.15 -32.62
CA ARG A 278 3.05 -23.95 -33.98
C ARG A 278 2.12 -23.02 -34.73
N ALA A 279 2.66 -22.41 -35.76
CA ALA A 279 1.83 -21.65 -36.67
C ALA A 279 0.73 -22.58 -37.18
N GLY A 280 -0.50 -22.09 -37.25
CA GLY A 280 -1.61 -22.91 -37.69
C GLY A 280 -2.65 -23.22 -36.63
N VAL A 281 -2.20 -23.31 -35.37
CA VAL A 281 -3.08 -23.70 -34.28
C VAL A 281 -4.28 -22.75 -34.22
N ARG A 282 -4.01 -21.46 -34.39
CA ARG A 282 -5.05 -20.45 -34.28
C ARG A 282 -5.95 -20.38 -35.50
N GLU A 283 -5.57 -21.05 -36.60
CA GLU A 283 -6.49 -21.12 -37.73
CA GLU A 283 -6.41 -21.16 -37.78
C GLU A 283 -7.21 -22.46 -37.73
N LEU A 284 -6.67 -23.46 -37.05
CA LEU A 284 -7.34 -24.75 -37.02
C LEU A 284 -8.29 -24.88 -35.82
N PHE A 285 -7.91 -24.22 -34.71
CA PHE A 285 -8.69 -24.28 -33.48
C PHE A 285 -9.11 -22.89 -32.99
N ALA A 286 -10.20 -22.86 -32.25
CA ALA A 286 -10.66 -21.66 -31.59
C ALA A 286 -10.75 -21.95 -30.08
N LEU A 287 -10.49 -20.94 -29.26
CA LEU A 287 -10.55 -21.11 -27.83
C LEU A 287 -11.35 -19.97 -27.22
N ASP A 288 -12.40 -20.29 -26.48
CA ASP A 288 -13.13 -19.26 -25.76
C ASP A 288 -12.30 -18.80 -24.57
N LEU A 289 -11.91 -17.52 -24.56
CA LEU A 289 -11.06 -16.98 -23.49
C LEU A 289 -11.73 -17.02 -22.12
N VAL A 290 -13.05 -17.07 -22.08
CA VAL A 290 -13.77 -17.14 -20.82
C VAL A 290 -14.06 -18.58 -20.41
N THR A 291 -14.59 -19.40 -21.33
CA THR A 291 -15.09 -20.71 -20.92
C THR A 291 -14.09 -21.85 -21.03
N GLY A 292 -12.92 -21.60 -21.60
CA GLY A 292 -11.93 -22.64 -21.86
C GLY A 292 -12.33 -23.74 -22.85
N VAL A 293 -13.39 -23.48 -23.62
CA VAL A 293 -13.83 -24.45 -24.63
C VAL A 293 -13.02 -24.32 -25.90
N LEU A 294 -12.37 -25.42 -26.23
CA LEU A 294 -11.63 -25.57 -27.47
C LEU A 294 -12.52 -26.14 -28.58
N THR A 295 -12.64 -25.43 -29.70
CA THR A 295 -13.44 -25.91 -30.83
C THR A 295 -12.63 -25.99 -32.12
N ILE A 296 -13.17 -26.73 -33.08
CA ILE A 296 -12.63 -26.83 -34.42
C ILE A 296 -12.93 -25.53 -35.13
N LYS A 297 -11.93 -24.92 -35.74
CA LYS A 297 -12.19 -23.71 -36.50
C LYS A 297 -11.95 -23.97 -37.99
N GLY A 298 -10.91 -24.72 -38.31
CA GLY A 298 -10.57 -25.04 -39.69
C GLY A 298 -10.94 -26.45 -40.06
N ARG A 299 -10.19 -27.07 -40.98
CA ARG A 299 -10.50 -28.43 -41.39
C ARG A 299 -9.38 -29.37 -40.95
N LEU A 300 -9.73 -30.40 -40.20
CA LEU A 300 -8.76 -31.42 -39.86
C LEU A 300 -8.52 -32.30 -41.07
N ASP A 301 -7.39 -32.99 -41.07
CA ASP A 301 -7.08 -33.93 -42.15
C ASP A 301 -6.21 -35.03 -41.59
N PHE A 302 -6.77 -36.23 -41.55
CA PHE A 302 -6.12 -37.38 -40.91
C PHE A 302 -4.80 -37.75 -41.56
N GLU A 303 -4.74 -37.69 -42.89
CA GLU A 303 -3.52 -38.04 -43.59
C GLU A 303 -2.44 -36.95 -43.48
N ASP A 304 -2.82 -35.72 -43.20
CA ASP A 304 -1.81 -34.66 -43.06
C ASP A 304 -1.23 -34.66 -41.64
N THR A 305 -2.12 -34.66 -40.65
CA THR A 305 -1.68 -34.65 -39.25
C THR A 305 -2.67 -35.44 -38.44
N LYS A 306 -2.19 -36.49 -37.77
CA LYS A 306 -3.03 -37.36 -36.94
C LYS A 306 -3.19 -36.89 -35.49
N LEU A 307 -2.24 -36.11 -35.03
CA LEU A 307 -2.21 -35.63 -33.66
C LEU A 307 -1.80 -34.16 -33.60
N HIS A 308 -2.62 -33.34 -32.96
CA HIS A 308 -2.27 -31.94 -32.72
C HIS A 308 -1.99 -31.74 -31.25
N GLU A 309 -0.93 -30.98 -30.95
CA GLU A 309 -0.54 -30.64 -29.58
C GLU A 309 -0.82 -29.18 -29.33
N ILE A 310 -1.77 -28.89 -28.46
CA ILE A 310 -2.21 -27.53 -28.26
C ILE A 310 -1.94 -27.09 -26.83
N TYR A 311 -0.99 -26.20 -26.64
CA TYR A 311 -0.71 -25.63 -25.30
C TYR A 311 -1.64 -24.49 -24.98
N ILE A 312 -2.24 -24.52 -23.80
CA ILE A 312 -3.19 -23.51 -23.41
C ILE A 312 -2.72 -22.93 -22.10
N GLN A 313 -2.85 -21.62 -21.98
CA GLN A 313 -2.42 -20.88 -20.82
C GLN A 313 -3.63 -20.34 -20.06
N ALA A 314 -3.59 -20.39 -18.74
CA ALA A 314 -4.57 -19.69 -17.92
C ALA A 314 -3.89 -18.59 -17.13
N LYS A 315 -4.40 -17.38 -17.20
CA LYS A 315 -3.90 -16.28 -16.38
C LYS A 315 -5.06 -15.59 -15.66
N ASP A 316 -4.78 -15.05 -14.48
CA ASP A 316 -5.82 -14.29 -13.77
C ASP A 316 -5.80 -12.84 -14.28
N LYS A 317 -6.72 -12.01 -13.79
CA LYS A 317 -6.80 -10.60 -14.19
C LYS A 317 -6.24 -9.71 -13.08
N GLY A 318 -5.27 -10.24 -12.36
CA GLY A 318 -4.68 -9.52 -11.25
C GLY A 318 -3.35 -8.92 -11.65
N ALA A 319 -2.71 -8.25 -10.71
CA ALA A 319 -1.39 -7.69 -10.93
C ALA A 319 -0.36 -8.81 -10.97
N ASN A 320 0.58 -8.68 -11.90
CA ASN A 320 1.68 -9.63 -12.04
C ASN A 320 1.16 -11.06 -12.18
N PRO A 321 0.31 -11.29 -13.19
CA PRO A 321 -0.30 -12.62 -13.26
C PRO A 321 0.72 -13.72 -13.56
N GLU A 322 0.69 -14.82 -12.81
CA GLU A 322 1.50 -15.99 -13.16
C GLU A 322 0.69 -16.94 -14.03
N GLY A 323 1.27 -17.39 -15.15
CA GLY A 323 0.54 -18.29 -16.00
C GLY A 323 0.49 -19.70 -15.44
N ALA A 324 -0.61 -20.39 -15.72
CA ALA A 324 -0.69 -21.83 -15.56
C ALA A 324 -0.75 -22.38 -16.98
N HIS A 325 -0.27 -23.60 -17.20
CA HIS A 325 -0.29 -24.16 -18.56
C HIS A 325 -0.82 -25.56 -18.59
N CYS A 326 -1.52 -25.92 -19.65
CA CYS A 326 -1.82 -27.32 -19.89
C CYS A 326 -1.64 -27.65 -21.36
N LYS A 327 -1.85 -28.89 -21.70
CA LYS A 327 -1.66 -29.33 -23.07
C LYS A 327 -2.90 -30.13 -23.43
N VAL A 328 -3.43 -29.93 -24.63
CA VAL A 328 -4.53 -30.75 -25.12
C VAL A 328 -4.03 -31.54 -26.30
N LEU A 329 -4.16 -32.87 -26.25
CA LEU A 329 -3.73 -33.73 -27.35
C LEU A 329 -4.94 -34.09 -28.14
N VAL A 330 -5.02 -33.56 -29.36
CA VAL A 330 -6.18 -33.80 -30.20
C VAL A 330 -5.86 -34.90 -31.20
N GLU A 331 -6.44 -36.07 -30.99
CA GLU A 331 -6.23 -37.17 -31.90
C GLU A 331 -7.25 -37.09 -33.01
N VAL A 332 -6.77 -36.98 -34.24
CA VAL A 332 -7.67 -36.99 -35.39
C VAL A 332 -8.01 -38.41 -35.82
N VAL A 333 -9.30 -38.67 -36.03
CA VAL A 333 -9.79 -40.00 -36.33
C VAL A 333 -10.17 -40.09 -37.82
N ASP A 334 -9.79 -41.18 -38.46
CA ASP A 334 -10.09 -41.39 -39.87
C ASP A 334 -11.60 -41.37 -40.12
N HIS B 12 14.02 -48.71 -53.16
CA HIS B 12 15.07 -47.79 -52.73
C HIS B 12 15.83 -48.30 -51.50
N GLU B 13 17.14 -48.08 -51.49
CA GLU B 13 18.01 -48.80 -50.57
C GLU B 13 18.18 -48.15 -49.19
N ASN B 14 18.20 -46.83 -49.14
CA ASN B 14 18.33 -46.17 -47.85
C ASN B 14 17.67 -44.82 -47.86
N LEU B 15 16.36 -44.81 -47.70
CA LEU B 15 15.63 -43.57 -47.62
C LEU B 15 15.45 -43.15 -46.15
N TYR B 16 15.74 -44.06 -45.22
CA TYR B 16 15.39 -43.81 -43.81
C TYR B 16 16.50 -44.18 -42.85
N PHE B 17 16.63 -43.38 -41.80
CA PHE B 17 17.56 -43.66 -40.73
C PHE B 17 16.79 -43.59 -39.41
N GLN B 18 16.72 -44.74 -38.70
CA GLN B 18 16.09 -44.80 -37.37
C GLN B 18 14.68 -44.17 -37.37
N GLY B 19 13.91 -44.47 -38.43
CA GLY B 19 12.56 -43.97 -38.57
C GLY B 19 12.39 -42.62 -39.24
N SER B 20 13.47 -41.89 -39.47
CA SER B 20 13.29 -40.60 -40.14
C SER B 20 13.84 -40.58 -41.58
N THR B 21 13.22 -39.79 -42.44
CA THR B 21 13.78 -39.54 -43.76
C THR B 21 15.24 -39.13 -43.64
N ILE B 22 16.08 -39.61 -44.55
CA ILE B 22 17.46 -39.17 -44.55
C ILE B 22 17.55 -37.81 -45.23
N ILE B 23 16.47 -37.34 -45.86
CA ILE B 23 16.49 -36.02 -46.45
C ILE B 23 16.18 -35.04 -45.30
N HIS B 24 17.20 -34.75 -44.54
CA HIS B 24 17.09 -34.02 -43.26
C HIS B 24 18.16 -32.99 -43.23
N TYR B 25 17.78 -31.71 -43.17
CA TYR B 25 18.75 -30.63 -43.17
C TYR B 25 18.48 -29.70 -41.98
N GLU B 26 19.47 -28.93 -41.59
CA GLU B 26 19.36 -28.02 -40.44
C GLU B 26 19.97 -26.72 -40.88
N ILE B 27 19.19 -25.64 -40.79
CA ILE B 27 19.68 -24.34 -41.21
C ILE B 27 19.27 -23.29 -40.18
N LEU B 28 19.96 -22.16 -40.18
CA LEU B 28 19.54 -21.01 -39.38
C LEU B 28 18.25 -20.41 -39.94
N GLU B 29 17.38 -19.93 -39.05
CA GLU B 29 16.24 -19.16 -39.54
C GLU B 29 16.69 -17.91 -40.27
N GLU B 30 15.77 -17.33 -41.03
CA GLU B 30 15.90 -16.01 -41.59
C GLU B 30 16.99 -15.96 -42.67
N ARG B 31 17.27 -17.08 -43.32
CA ARG B 31 18.19 -17.04 -44.46
C ARG B 31 17.56 -16.31 -45.63
N GLU B 32 18.40 -15.71 -46.48
CA GLU B 32 17.96 -15.05 -47.68
C GLU B 32 17.36 -16.03 -48.69
N ARG B 33 16.52 -15.52 -49.58
CA ARG B 33 15.93 -16.35 -50.60
C ARG B 33 17.04 -16.84 -51.52
N GLY B 34 17.04 -18.13 -51.82
CA GLY B 34 18.09 -18.66 -52.67
C GLY B 34 19.14 -19.37 -51.86
N PHE B 35 19.06 -19.26 -50.54
CA PHE B 35 20.01 -19.93 -49.67
C PHE B 35 19.96 -21.44 -49.87
N PRO B 36 21.11 -22.05 -50.19
CA PRO B 36 21.18 -23.48 -50.49
C PRO B 36 21.11 -24.35 -49.24
N VAL B 37 20.14 -25.27 -49.25
CA VAL B 37 19.85 -26.09 -48.09
C VAL B 37 20.50 -27.48 -48.25
N GLY B 38 20.42 -28.05 -49.43
CA GLY B 38 21.04 -29.34 -49.66
C GLY B 38 20.73 -29.77 -51.07
N ASN B 39 21.29 -30.87 -51.53
CA ASN B 39 20.93 -31.41 -52.83
C ASN B 39 20.20 -32.72 -52.59
N VAL B 40 18.92 -32.75 -52.91
CA VAL B 40 18.12 -33.93 -52.60
C VAL B 40 18.35 -35.02 -53.62
N VAL B 41 18.95 -34.69 -54.75
CA VAL B 41 19.24 -35.73 -55.73
C VAL B 41 20.47 -36.51 -55.30
N THR B 42 21.52 -35.79 -54.89
CA THR B 42 22.70 -36.44 -54.39
C THR B 42 22.40 -37.33 -53.18
N ASP B 43 21.53 -36.84 -52.32
CA ASP B 43 21.17 -37.58 -51.14
C ASP B 43 20.16 -38.64 -51.35
N LEU B 44 19.40 -38.54 -52.42
CA LEU B 44 18.39 -39.53 -52.74
C LEU B 44 19.04 -40.57 -53.65
N GLY B 45 20.11 -40.18 -54.30
CA GLY B 45 20.83 -41.04 -55.22
C GLY B 45 20.08 -41.24 -56.50
N LEU B 46 19.37 -40.20 -56.90
CA LEU B 46 18.59 -40.21 -58.10
C LEU B 46 19.54 -40.10 -59.27
N ASP B 47 19.11 -40.55 -60.43
CA ASP B 47 19.96 -40.50 -61.60
C ASP B 47 19.91 -39.15 -62.25
N LEU B 48 20.89 -38.31 -61.95
CA LEU B 48 20.96 -36.98 -62.52
C LEU B 48 20.86 -37.09 -64.04
N GLY B 49 21.15 -38.27 -64.54
CA GLY B 49 21.12 -38.48 -65.95
C GLY B 49 19.77 -38.20 -66.52
N SER B 50 18.77 -38.91 -66.04
CA SER B 50 17.43 -38.73 -66.51
C SER B 50 16.59 -37.89 -65.58
N LEU B 51 17.21 -37.04 -64.79
CA LEU B 51 16.47 -36.25 -63.84
C LEU B 51 15.40 -35.43 -64.45
N SER B 52 15.73 -34.79 -65.56
CA SER B 52 14.81 -33.88 -66.24
C SER B 52 13.48 -34.56 -66.58
N ALA B 53 13.53 -35.87 -66.86
CA ALA B 53 12.32 -36.64 -67.16
C ALA B 53 11.44 -36.81 -65.92
N ARG B 54 12.01 -36.65 -64.74
CA ARG B 54 11.27 -36.98 -63.55
C ARG B 54 10.51 -35.80 -62.93
N ARG B 55 10.75 -34.59 -63.47
CA ARG B 55 10.03 -33.38 -63.05
C ARG B 55 10.01 -33.22 -61.53
N LEU B 56 11.18 -33.36 -60.91
CA LEU B 56 11.32 -33.25 -59.47
C LEU B 56 10.78 -31.90 -58.97
N ARG B 57 9.93 -31.94 -57.96
CA ARG B 57 9.38 -30.72 -57.37
C ARG B 57 8.93 -30.91 -55.93
N VAL B 58 8.82 -29.80 -55.21
CA VAL B 58 8.26 -29.83 -53.86
C VAL B 58 6.75 -29.94 -53.98
N VAL B 59 6.15 -30.82 -53.20
CA VAL B 59 4.70 -30.94 -53.15
C VAL B 59 4.10 -29.66 -52.54
N SER B 60 3.12 -29.10 -53.23
CA SER B 60 2.51 -27.83 -52.87
C SER B 60 1.23 -28.06 -52.03
N GLY B 61 1.29 -27.77 -50.73
CA GLY B 61 0.13 -27.95 -49.88
C GLY B 61 -0.44 -26.59 -49.54
N ALA B 62 -1.21 -26.50 -48.48
CA ALA B 62 -1.80 -25.23 -48.11
C ALA B 62 -0.76 -24.31 -47.47
N SER B 63 0.30 -24.87 -46.91
CA SER B 63 1.28 -24.05 -46.25
C SER B 63 2.22 -23.36 -47.23
N ARG B 64 2.93 -22.35 -46.75
CA ARG B 64 3.80 -21.54 -47.60
C ARG B 64 4.89 -22.37 -48.23
N ARG B 65 5.31 -22.00 -49.44
CA ARG B 65 6.40 -22.71 -50.08
C ARG B 65 7.75 -22.21 -49.56
N PHE B 66 8.13 -22.75 -48.41
CA PHE B 66 9.34 -22.29 -47.73
C PHE B 66 10.60 -22.72 -48.49
N PHE B 67 10.47 -23.83 -49.21
CA PHE B 67 11.58 -24.41 -49.95
C PHE B 67 11.16 -24.75 -51.35
N GLU B 68 12.08 -24.63 -52.28
CA GLU B 68 11.84 -25.10 -53.63
C GLU B 68 13.05 -25.92 -54.03
N VAL B 69 12.92 -26.73 -55.08
CA VAL B 69 14.03 -27.52 -55.59
CA VAL B 69 14.05 -27.51 -55.58
C VAL B 69 14.22 -27.19 -57.05
N ASN B 70 15.47 -27.03 -57.47
CA ASN B 70 15.83 -26.84 -58.86
C ASN B 70 15.68 -28.19 -59.61
N TRP B 71 14.69 -28.30 -60.50
CA TRP B 71 14.36 -29.60 -61.07
C TRP B 71 15.50 -30.16 -61.95
N GLU B 72 16.42 -29.28 -62.34
CA GLU B 72 17.56 -29.66 -63.16
C GLU B 72 18.76 -30.19 -62.35
N THR B 73 18.98 -29.59 -61.17
CA THR B 73 20.19 -29.88 -60.41
C THR B 73 19.92 -30.68 -59.16
N GLY B 74 18.69 -30.59 -58.65
CA GLY B 74 18.36 -31.23 -57.40
C GLY B 74 18.62 -30.34 -56.19
N GLU B 75 19.17 -29.17 -56.42
CA GLU B 75 19.45 -28.27 -55.31
C GLU B 75 18.16 -27.76 -54.67
N MET B 76 18.03 -27.94 -53.35
CA MET B 76 16.91 -27.38 -52.61
C MET B 76 17.36 -26.09 -51.96
N PHE B 77 16.50 -25.07 -52.01
CA PHE B 77 16.90 -23.76 -51.51
C PHE B 77 15.75 -23.07 -50.81
N VAL B 78 16.08 -22.05 -50.02
CA VAL B 78 15.09 -21.30 -49.26
C VAL B 78 14.26 -20.46 -50.22
N ASN B 79 12.94 -20.59 -50.17
CA ASN B 79 12.11 -19.88 -51.15
C ASN B 79 11.19 -18.82 -50.51
N ASP B 80 11.09 -18.82 -49.19
CA ASP B 80 10.27 -17.81 -48.50
C ASP B 80 10.88 -17.61 -47.10
N ARG B 81 10.44 -16.55 -46.42
CA ARG B 81 10.97 -16.26 -45.10
C ARG B 81 10.67 -17.37 -44.11
N LEU B 82 11.72 -17.82 -43.44
CA LEU B 82 11.59 -18.82 -42.39
C LEU B 82 11.87 -18.13 -41.07
N ASP B 83 10.80 -17.66 -40.41
CA ASP B 83 10.91 -17.00 -39.12
C ASP B 83 10.54 -18.00 -38.08
N ARG B 84 11.54 -18.53 -37.39
CA ARG B 84 11.33 -19.54 -36.37
C ARG B 84 10.29 -19.04 -35.33
N GLU B 85 10.26 -17.74 -35.04
CA GLU B 85 9.33 -17.27 -34.01
C GLU B 85 7.90 -17.49 -34.45
N GLU B 86 7.60 -17.19 -35.70
CA GLU B 86 6.27 -17.42 -36.27
C GLU B 86 5.96 -18.90 -36.40
N LEU B 87 6.95 -19.67 -36.79
CA LEU B 87 6.74 -21.08 -37.11
C LEU B 87 6.41 -21.87 -35.87
N CYS B 88 7.18 -21.61 -34.82
CA CYS B 88 7.28 -22.55 -33.70
C CYS B 88 7.23 -21.87 -32.33
N GLY B 89 6.96 -20.57 -32.29
CA GLY B 89 6.84 -19.85 -31.05
C GLY B 89 7.97 -20.13 -30.08
N THR B 90 7.63 -20.57 -28.86
CA THR B 90 8.69 -20.92 -27.91
C THR B 90 9.02 -22.42 -27.79
N LEU B 91 8.51 -23.22 -28.71
CA LEU B 91 8.94 -24.64 -28.80
C LEU B 91 10.45 -24.71 -28.90
N PRO B 92 11.07 -25.64 -28.19
CA PRO B 92 12.54 -25.67 -28.17
C PRO B 92 13.15 -26.17 -29.48
N SER B 93 12.37 -26.86 -30.31
CA SER B 93 12.85 -27.27 -31.61
CA SER B 93 12.85 -27.25 -31.62
C SER B 93 11.82 -26.99 -32.69
N CYS B 94 12.31 -26.66 -33.89
CA CYS B 94 11.46 -26.26 -34.98
C CYS B 94 11.81 -26.99 -36.29
N THR B 95 10.93 -27.84 -36.76
CA THR B 95 11.19 -28.62 -37.99
C THR B 95 10.10 -28.34 -38.98
N VAL B 96 10.47 -27.95 -40.19
CA VAL B 96 9.50 -27.81 -41.24
C VAL B 96 9.49 -29.12 -42.04
N THR B 97 8.35 -29.74 -42.25
CA THR B 97 8.31 -30.94 -43.07
C THR B 97 7.72 -30.62 -44.43
N LEU B 98 8.18 -31.34 -45.43
CA LEU B 98 7.64 -31.18 -46.76
C LEU B 98 7.75 -32.52 -47.49
N GLU B 99 7.23 -32.56 -48.70
CA GLU B 99 7.33 -33.75 -49.53
C GLU B 99 7.86 -33.36 -50.88
N LEU B 100 8.54 -34.32 -51.52
CA LEU B 100 9.11 -34.17 -52.84
C LEU B 100 8.41 -35.17 -53.74
N VAL B 101 8.13 -34.79 -54.98
CA VAL B 101 7.54 -35.76 -55.90
C VAL B 101 8.35 -35.84 -57.18
N VAL B 102 8.44 -37.03 -57.74
CA VAL B 102 8.99 -37.22 -59.07
C VAL B 102 8.01 -38.08 -59.87
N GLU B 103 8.09 -38.01 -61.19
CA GLU B 103 7.23 -38.79 -62.06
C GLU B 103 8.08 -39.81 -62.81
N ASN B 104 7.44 -40.75 -63.49
CA ASN B 104 8.13 -41.70 -64.37
C ASN B 104 9.23 -42.52 -63.72
N PRO B 105 8.89 -43.28 -62.68
CA PRO B 105 7.55 -43.46 -62.11
C PRO B 105 7.20 -42.45 -61.03
N LEU B 106 5.92 -42.36 -60.72
CA LEU B 106 5.49 -41.48 -59.65
C LEU B 106 6.02 -41.99 -58.31
N GLU B 107 6.70 -41.11 -57.57
CA GLU B 107 7.16 -41.43 -56.22
C GLU B 107 7.07 -40.17 -55.37
N LEU B 108 6.85 -40.37 -54.08
CA LEU B 108 6.86 -39.31 -53.06
C LEU B 108 7.93 -39.59 -52.01
N PHE B 109 8.67 -38.56 -51.66
CA PHE B 109 9.68 -38.63 -50.62
C PHE B 109 9.41 -37.60 -49.54
N SER B 110 9.60 -37.96 -48.28
CA SER B 110 9.54 -37.00 -47.19
C SER B 110 10.85 -36.29 -47.06
N ALA B 111 10.78 -35.03 -46.69
CA ALA B 111 11.97 -34.27 -46.38
C ALA B 111 11.70 -33.38 -45.17
N GLU B 112 12.74 -32.95 -44.49
CA GLU B 112 12.54 -32.09 -43.33
C GLU B 112 13.72 -31.20 -43.07
N VAL B 113 13.44 -30.00 -42.57
CA VAL B 113 14.45 -28.97 -42.40
C VAL B 113 14.27 -28.44 -40.99
N VAL B 114 15.31 -28.61 -40.16
CA VAL B 114 15.34 -28.02 -38.82
C VAL B 114 15.65 -26.54 -38.96
N VAL B 115 14.82 -25.70 -38.34
CA VAL B 115 15.01 -24.26 -38.40
C VAL B 115 15.55 -23.79 -37.05
N GLN B 116 16.82 -23.40 -37.05
CA GLN B 116 17.53 -23.06 -35.82
C GLN B 116 17.36 -21.60 -35.45
N ASP B 117 17.22 -21.33 -34.15
CA ASP B 117 17.00 -19.98 -33.63
C ASP B 117 18.17 -19.08 -33.82
N ILE B 118 17.94 -17.82 -34.21
CA ILE B 118 18.98 -16.82 -34.06
C ILE B 118 18.42 -15.73 -33.16
N ASN B 119 19.32 -14.97 -32.55
CA ASN B 119 18.89 -13.92 -31.63
C ASN B 119 18.48 -12.65 -32.35
N ASP B 120 17.42 -12.74 -33.16
CA ASP B 120 16.92 -11.60 -33.93
C ASP B 120 15.82 -10.82 -33.22
N ASN B 121 15.56 -11.11 -31.94
CA ASN B 121 14.61 -10.27 -31.18
C ASN B 121 15.14 -9.74 -29.84
N ASN B 122 14.87 -8.45 -29.61
CA ASN B 122 14.96 -7.84 -28.27
C ASN B 122 13.89 -8.39 -27.36
N PRO B 123 14.13 -8.37 -26.04
CA PRO B 123 12.96 -8.51 -25.17
C PRO B 123 12.04 -7.33 -25.43
N SER B 124 10.74 -7.41 -25.13
CA SER B 124 9.90 -6.24 -25.16
CA SER B 124 9.82 -6.28 -25.22
C SER B 124 8.97 -6.23 -23.95
N PHE B 125 8.61 -5.03 -23.54
CA PHE B 125 7.62 -4.83 -22.47
C PHE B 125 6.27 -4.53 -23.07
N PRO B 126 5.19 -4.97 -22.43
CA PRO B 126 3.89 -4.69 -23.02
C PRO B 126 3.41 -3.23 -22.90
N THR B 127 4.08 -2.38 -22.12
CA THR B 127 3.69 -0.96 -22.09
C THR B 127 4.96 -0.13 -22.17
N GLY B 128 4.82 1.14 -22.52
CA GLY B 128 5.97 2.01 -22.63
C GLY B 128 6.39 2.62 -21.31
N GLU B 129 5.61 2.40 -20.25
CA GLU B 129 5.97 2.96 -18.95
C GLU B 129 5.15 2.34 -17.85
N MET B 130 5.66 2.49 -16.65
CA MET B 130 4.97 2.02 -15.49
C MET B 130 4.96 3.07 -14.37
N LYS B 131 3.83 3.25 -13.69
CA LYS B 131 3.77 4.13 -12.52
C LYS B 131 3.43 3.35 -11.24
N LEU B 132 4.08 3.72 -10.14
CA LEU B 132 3.70 3.19 -8.83
C LEU B 132 3.49 4.37 -7.88
N GLU B 133 2.45 4.32 -7.06
CA GLU B 133 2.31 5.30 -5.99
C GLU B 133 2.64 4.60 -4.69
N ILE B 134 3.65 5.11 -3.98
CA ILE B 134 4.13 4.42 -2.80
C ILE B 134 4.21 5.38 -1.60
N SER B 135 3.50 5.09 -0.52
CA SER B 135 3.56 5.92 0.70
C SER B 135 4.95 5.92 1.30
N GLU B 136 5.39 7.07 1.81
CA GLU B 136 6.69 7.14 2.46
C GLU B 136 6.65 6.37 3.76
N ALA B 137 5.46 5.97 4.18
CA ALA B 137 5.30 5.25 5.44
C ALA B 137 5.45 3.74 5.28
N LEU B 138 5.71 3.27 4.07
CA LEU B 138 5.83 1.81 3.85
C LEU B 138 7.17 1.32 4.36
N ALA B 139 7.19 0.11 4.91
CA ALA B 139 8.41 -0.37 5.53
C ALA B 139 9.35 -0.95 4.50
N PRO B 140 10.64 -0.70 4.69
CA PRO B 140 11.66 -1.42 3.93
C PRO B 140 11.38 -2.92 4.00
N GLY B 141 11.45 -3.58 2.84
CA GLY B 141 11.23 -5.02 2.79
C GLY B 141 10.01 -5.27 1.92
N THR B 142 9.23 -4.22 1.77
CA THR B 142 8.06 -4.26 0.91
C THR B 142 8.49 -4.47 -0.54
N ARG B 143 7.75 -5.28 -1.27
CA ARG B 143 8.12 -5.58 -2.65
C ARG B 143 7.03 -5.13 -3.61
N PHE B 144 7.43 -4.74 -4.81
CA PHE B 144 6.53 -4.21 -5.82
C PHE B 144 6.82 -4.92 -7.11
N PRO B 145 5.87 -5.70 -7.60
CA PRO B 145 6.11 -6.38 -8.88
C PRO B 145 6.11 -5.38 -10.04
N LEU B 146 6.99 -5.62 -10.99
CA LEU B 146 7.12 -4.77 -12.17
C LEU B 146 6.60 -5.51 -13.40
N GLU B 147 6.26 -4.78 -14.46
CA GLU B 147 5.81 -5.40 -15.72
C GLU B 147 6.86 -6.38 -16.21
N SER B 148 6.43 -7.52 -16.73
CA SER B 148 7.34 -8.52 -17.30
C SER B 148 7.70 -8.19 -18.74
N ALA B 149 8.92 -8.51 -19.13
CA ALA B 149 9.29 -8.46 -20.53
C ALA B 149 9.14 -9.85 -21.12
N HIS B 150 8.96 -9.91 -22.43
CA HIS B 150 8.95 -11.17 -23.15
C HIS B 150 9.99 -11.11 -24.28
N ASP B 151 10.66 -12.22 -24.54
CA ASP B 151 11.59 -12.32 -25.67
C ASP B 151 11.19 -13.58 -26.43
N PRO B 152 10.80 -13.44 -27.71
CA PRO B 152 10.24 -14.59 -28.44
C PRO B 152 11.28 -15.58 -28.97
N ASP B 153 12.57 -15.31 -28.87
CA ASP B 153 13.60 -16.25 -29.24
C ASP B 153 13.61 -17.36 -28.18
N VAL B 154 14.48 -18.37 -28.35
CA VAL B 154 14.48 -19.48 -27.41
C VAL B 154 15.86 -19.73 -26.88
N GLY B 155 15.93 -20.60 -25.88
CA GLY B 155 17.19 -20.89 -25.22
C GLY B 155 17.85 -19.65 -24.65
N SER B 156 19.14 -19.52 -24.93
CA SER B 156 19.89 -18.42 -24.38
C SER B 156 19.50 -17.13 -25.03
N ASN B 157 18.80 -17.21 -26.16
CA ASN B 157 18.36 -16.00 -26.85
C ASN B 157 17.08 -15.38 -26.26
N SER B 158 16.45 -16.10 -25.35
CA SER B 158 15.27 -15.56 -24.69
C SER B 158 15.67 -14.79 -23.43
N LEU B 159 14.66 -14.30 -22.72
CA LEU B 159 14.88 -13.45 -21.54
C LEU B 159 15.71 -14.16 -20.50
N GLN B 160 16.80 -13.53 -20.05
CA GLN B 160 17.65 -14.11 -19.02
C GLN B 160 17.63 -13.35 -17.69
N THR B 161 17.61 -12.02 -17.75
CA THR B 161 17.68 -11.29 -16.50
C THR B 161 17.18 -9.87 -16.64
N TYR B 162 17.13 -9.17 -15.50
CA TYR B 162 16.73 -7.77 -15.45
C TYR B 162 17.75 -7.00 -14.66
N GLU B 163 17.92 -5.72 -14.99
CA GLU B 163 18.77 -4.85 -14.23
C GLU B 163 18.00 -3.60 -13.92
N LEU B 164 18.37 -2.94 -12.82
CA LEU B 164 17.70 -1.74 -12.37
C LEU B 164 18.70 -0.61 -12.28
N SER B 165 18.29 0.57 -12.73
CA SER B 165 19.13 1.75 -12.63
C SER B 165 19.59 2.02 -11.18
N HIS B 166 20.78 2.57 -11.06
CA HIS B 166 21.35 2.90 -9.78
C HIS B 166 20.45 3.92 -9.06
N ASN B 167 20.07 3.60 -7.84
CA ASN B 167 19.17 4.47 -7.09
C ASN B 167 19.38 4.24 -5.60
N GLU B 168 18.86 5.10 -4.75
CA GLU B 168 19.20 4.96 -3.34
C GLU B 168 18.13 4.28 -2.49
N TYR B 169 17.02 3.85 -3.08
CA TYR B 169 15.91 3.31 -2.28
C TYR B 169 15.57 1.83 -2.51
N PHE B 170 15.75 1.37 -3.74
CA PHE B 170 15.25 0.07 -4.18
C PHE B 170 16.34 -0.87 -4.69
N ALA B 171 16.31 -2.11 -4.22
CA ALA B 171 17.08 -3.17 -4.89
C ALA B 171 16.15 -3.91 -5.85
N LEU B 172 16.73 -4.71 -6.74
CA LEU B 172 15.95 -5.51 -7.69
C LEU B 172 16.06 -6.98 -7.37
N ARG B 173 14.95 -7.71 -7.41
CA ARG B 173 15.03 -9.19 -7.42
C ARG B 173 14.45 -9.73 -8.71
N VAL B 174 15.06 -10.78 -9.23
CA VAL B 174 14.50 -11.42 -10.41
C VAL B 174 14.00 -12.79 -9.97
N GLN B 175 12.72 -13.04 -10.21
CA GLN B 175 12.12 -14.30 -9.79
C GLN B 175 11.85 -15.16 -11.02
N THR B 176 11.97 -16.47 -10.87
CA THR B 176 11.62 -17.33 -11.98
C THR B 176 10.38 -18.10 -11.60
N ARG B 177 9.32 -17.98 -12.41
CA ARG B 177 8.07 -18.69 -12.15
C ARG B 177 8.23 -20.17 -12.49
N GLU B 178 7.24 -20.97 -12.10
CA GLU B 178 7.31 -22.42 -12.35
C GLU B 178 7.45 -22.76 -13.84
N ASP B 179 6.97 -21.87 -14.72
CA ASP B 179 7.04 -22.15 -16.15
C ASP B 179 8.31 -21.59 -16.78
N GLY B 180 9.18 -21.01 -15.96
CA GLY B 180 10.45 -20.50 -16.45
C GLY B 180 10.40 -19.06 -16.92
N THR B 181 9.25 -18.41 -16.82
CA THR B 181 9.23 -17.01 -17.19
C THR B 181 9.78 -16.22 -16.02
N LYS B 182 10.23 -15.02 -16.30
CA LYS B 182 10.87 -14.25 -15.27
C LYS B 182 10.24 -12.89 -15.18
N TYR B 183 10.11 -12.44 -13.93
CA TYR B 183 9.78 -11.05 -13.65
C TYR B 183 10.71 -10.48 -12.61
N ALA B 184 10.75 -9.15 -12.58
CA ALA B 184 11.49 -8.44 -11.57
C ALA B 184 10.52 -7.84 -10.53
N GLU B 185 11.02 -7.61 -9.31
CA GLU B 185 10.28 -6.81 -8.34
C GLU B 185 11.21 -5.85 -7.69
N LEU B 186 10.75 -4.63 -7.44
CA LEU B 186 11.51 -3.73 -6.59
C LEU B 186 11.44 -4.22 -5.17
N VAL B 187 12.52 -4.05 -4.43
CA VAL B 187 12.48 -4.28 -2.99
C VAL B 187 12.85 -2.99 -2.33
N LEU B 188 11.98 -2.49 -1.46
CA LEU B 188 12.24 -1.22 -0.79
C LEU B 188 13.31 -1.44 0.27
N GLU B 189 14.49 -0.88 0.06
CA GLU B 189 15.66 -1.12 0.92
C GLU B 189 15.88 0.00 1.92
N ARG B 190 15.57 1.24 1.53
CA ARG B 190 15.62 2.39 2.40
C ARG B 190 14.29 3.12 2.28
N ALA B 191 13.73 3.54 3.39
CA ALA B 191 12.45 4.26 3.42
C ALA B 191 12.43 5.44 2.47
N LEU B 192 11.30 5.64 1.79
CA LEU B 192 11.08 6.84 1.00
C LEU B 192 10.82 8.01 1.95
N ASP B 193 10.97 9.23 1.45
CA ASP B 193 10.78 10.41 2.26
C ASP B 193 10.22 11.51 1.37
N TRP B 194 8.92 11.79 1.47
CA TRP B 194 8.25 12.75 0.61
C TRP B 194 8.86 14.13 0.74
N GLU B 195 9.26 14.47 1.96
CA GLU B 195 9.78 15.79 2.24
C GLU B 195 11.09 16.04 1.52
N ARG B 196 11.83 14.96 1.25
CA ARG B 196 13.16 15.11 0.67
C ARG B 196 13.12 14.85 -0.86
N GLU B 197 12.49 13.76 -1.27
CA GLU B 197 12.36 13.45 -2.68
C GLU B 197 10.95 12.91 -2.95
N PRO B 198 10.05 13.75 -3.48
CA PRO B 198 8.66 13.33 -3.64
C PRO B 198 8.39 12.46 -4.86
N SER B 199 9.40 12.22 -5.66
CA SER B 199 9.24 11.33 -6.79
C SER B 199 10.58 10.72 -7.10
N VAL B 200 10.54 9.54 -7.66
CA VAL B 200 11.73 8.85 -8.00
C VAL B 200 11.57 8.25 -9.39
N GLN B 201 12.59 8.36 -10.19
CA GLN B 201 12.54 7.83 -11.53
C GLN B 201 13.54 6.70 -11.68
N LEU B 202 13.08 5.56 -12.16
CA LEU B 202 13.94 4.42 -12.36
C LEU B 202 13.81 3.85 -13.76
N VAL B 203 14.77 3.03 -14.15
CA VAL B 203 14.71 2.33 -15.41
C VAL B 203 14.98 0.85 -15.18
N LEU B 204 14.03 0.02 -15.57
CA LEU B 204 14.17 -1.43 -15.57
C LEU B 204 14.62 -1.87 -16.97
N THR B 205 15.71 -2.61 -17.02
CA THR B 205 16.25 -3.15 -18.26
C THR B 205 16.05 -4.66 -18.32
N ALA B 206 15.39 -5.16 -19.37
CA ALA B 206 15.32 -6.60 -19.57
C ALA B 206 16.37 -7.02 -20.58
N LEU B 207 17.11 -8.11 -20.28
CA LEU B 207 18.19 -8.58 -21.16
C LEU B 207 18.03 -10.06 -21.53
N ASP B 208 18.32 -10.39 -22.78
CA ASP B 208 18.36 -11.79 -23.14
C ASP B 208 19.79 -12.27 -22.93
N GLY B 209 20.10 -13.52 -23.30
CA GLY B 209 21.43 -14.01 -23.09
C GLY B 209 22.20 -14.17 -24.39
N GLY B 210 21.88 -13.33 -25.38
CA GLY B 210 22.67 -13.34 -26.60
C GLY B 210 24.05 -12.77 -26.37
N THR B 211 24.87 -12.82 -27.41
CA THR B 211 26.17 -12.18 -27.37
C THR B 211 26.28 -11.24 -28.57
N PRO B 212 26.06 -9.94 -28.37
CA PRO B 212 25.77 -9.28 -27.10
C PRO B 212 24.35 -9.49 -26.64
N ALA B 213 24.09 -9.15 -25.40
CA ALA B 213 22.76 -9.26 -24.86
C ALA B 213 21.90 -8.19 -25.52
N ARG B 214 20.70 -8.54 -25.94
CA ARG B 214 19.78 -7.54 -26.45
C ARG B 214 18.91 -7.13 -25.30
N SER B 215 18.34 -5.95 -25.36
CA SER B 215 17.64 -5.44 -24.21
C SER B 215 16.42 -4.59 -24.56
N ALA B 216 15.58 -4.37 -23.55
CA ALA B 216 14.49 -3.42 -23.63
C ALA B 216 14.51 -2.66 -22.29
N THR B 217 13.94 -1.46 -22.30
CA THR B 217 13.83 -0.67 -21.08
C THR B 217 12.40 -0.30 -20.74
N LEU B 218 12.15 -0.14 -19.45
CA LEU B 218 10.86 0.29 -18.99
C LEU B 218 11.05 1.44 -17.98
N PRO B 219 10.67 2.66 -18.36
CA PRO B 219 10.65 3.77 -17.36
C PRO B 219 9.70 3.45 -16.24
N ILE B 220 10.17 3.57 -15.01
CA ILE B 220 9.34 3.44 -13.83
C ILE B 220 9.28 4.77 -13.12
N ARG B 221 8.11 5.37 -13.06
CA ARG B 221 8.00 6.61 -12.34
C ARG B 221 7.26 6.37 -11.02
N ILE B 222 7.97 6.58 -9.92
CA ILE B 222 7.36 6.43 -8.60
C ILE B 222 6.96 7.78 -7.99
N THR B 223 5.67 7.93 -7.69
CA THR B 223 5.19 9.06 -6.92
C THR B 223 5.25 8.69 -5.45
N VAL B 224 6.06 9.39 -4.67
CA VAL B 224 6.04 9.13 -3.24
C VAL B 224 4.77 9.72 -2.65
N LEU B 225 3.99 8.93 -1.93
CA LEU B 225 2.83 9.51 -1.24
C LEU B 225 3.20 10.06 0.14
N ASP B 226 2.82 11.31 0.40
CA ASP B 226 3.07 11.94 1.68
C ASP B 226 2.37 11.21 2.82
N ALA B 227 3.07 11.11 3.95
CA ALA B 227 2.44 10.68 5.19
C ALA B 227 2.61 11.79 6.20
N ASN B 228 1.77 11.80 7.22
CA ASN B 228 1.82 12.81 8.26
C ASN B 228 2.92 12.46 9.25
N ASP B 229 4.18 12.61 8.83
CA ASP B 229 5.26 12.27 9.73
C ASP B 229 5.97 13.51 10.21
N ASN B 230 5.28 14.65 10.19
CA ASN B 230 5.83 15.84 10.82
C ASN B 230 4.80 16.58 11.66
N ALA B 231 5.19 16.96 12.88
CA ALA B 231 4.33 17.75 13.76
C ALA B 231 4.53 19.21 13.43
N PRO B 232 3.49 20.02 13.64
CA PRO B 232 3.63 21.47 13.57
C PRO B 232 4.70 21.93 14.53
N ALA B 233 5.32 23.07 14.24
CA ALA B 233 6.31 23.65 15.14
C ALA B 233 6.11 25.15 15.20
N PHE B 234 5.88 25.69 16.39
CA PHE B 234 5.74 27.13 16.54
C PHE B 234 7.03 27.86 16.27
N ASN B 235 6.92 29.05 15.66
CA ASN B 235 8.07 29.91 15.43
C ASN B 235 8.74 30.28 16.74
N GLN B 236 7.93 30.48 17.77
CA GLN B 236 8.45 30.73 19.09
C GLN B 236 7.52 30.10 20.10
N SER B 237 8.10 29.72 21.24
CA SER B 237 7.38 28.99 22.25
C SER B 237 6.61 29.94 23.15
N LEU B 238 7.10 31.16 23.24
CA LEU B 238 6.54 32.14 24.17
C LEU B 238 6.26 33.44 23.45
N TYR B 239 5.02 33.91 23.57
CA TYR B 239 4.61 35.23 23.08
C TYR B 239 4.23 36.14 24.27
N ARG B 240 4.64 37.40 24.24
CA ARG B 240 4.31 38.35 25.30
C ARG B 240 3.50 39.48 24.73
N ALA B 241 2.51 39.94 25.49
CA ALA B 241 1.72 41.08 25.07
C ALA B 241 1.33 41.93 26.26
N ARG B 242 1.29 43.24 26.04
CA ARG B 242 0.74 44.16 27.01
C ARG B 242 -0.49 44.84 26.44
N VAL B 243 -1.59 44.73 27.17
CA VAL B 243 -2.87 45.21 26.71
C VAL B 243 -3.45 46.15 27.77
N ARG B 244 -3.90 47.33 27.36
CA ARG B 244 -4.57 48.27 28.27
C ARG B 244 -5.83 47.64 28.81
N GLU B 245 -6.16 47.87 30.09
CA GLU B 245 -7.31 47.17 30.66
C GLU B 245 -8.64 47.62 30.01
N ASP B 246 -8.64 48.78 29.38
CA ASP B 246 -9.88 49.22 28.75
C ASP B 246 -9.94 48.81 27.27
N ALA B 247 -9.04 47.92 26.85
CA ALA B 247 -9.05 47.40 25.47
C ALA B 247 -10.40 46.76 25.18
N PRO B 248 -11.04 47.19 24.08
CA PRO B 248 -12.37 46.73 23.71
C PRO B 248 -12.30 45.40 22.99
N PRO B 249 -13.44 44.72 22.84
CA PRO B 249 -13.46 43.47 22.09
C PRO B 249 -12.93 43.68 20.69
N GLY B 250 -12.19 42.70 20.19
CA GLY B 250 -11.64 42.80 18.85
C GLY B 250 -10.19 43.25 18.86
N THR B 251 -9.76 43.80 20.00
CA THR B 251 -8.37 44.26 20.10
C THR B 251 -7.41 43.11 19.83
N ARG B 252 -6.49 43.30 18.88
CA ARG B 252 -5.49 42.29 18.56
CA ARG B 252 -5.51 42.26 18.56
C ARG B 252 -4.50 42.16 19.71
N VAL B 253 -4.33 40.94 20.22
CA VAL B 253 -3.41 40.68 21.32
C VAL B 253 -2.09 40.14 20.80
N ALA B 254 -2.16 39.12 19.96
CA ALA B 254 -0.98 38.47 19.44
C ALA B 254 -1.35 37.69 18.20
N GLN B 255 -0.38 37.39 17.35
CA GLN B 255 -0.58 36.36 16.33
C GLN B 255 0.48 35.26 16.48
N VAL B 256 0.03 34.03 16.73
CA VAL B 256 0.98 32.94 16.86
C VAL B 256 1.13 32.23 15.50
N LEU B 257 2.28 31.61 15.29
CA LEU B 257 2.54 31.00 13.98
C LEU B 257 3.30 29.69 14.14
N ALA B 258 2.70 28.62 13.64
CA ALA B 258 3.37 27.32 13.56
C ALA B 258 3.49 26.93 12.10
N THR B 259 4.46 26.08 11.77
CA THR B 259 4.60 25.56 10.42
C THR B 259 4.69 24.04 10.45
N ASP B 260 4.45 23.40 9.31
CA ASP B 260 4.38 21.94 9.22
C ASP B 260 4.98 21.53 7.89
N LEU B 261 5.88 20.57 7.91
CA LEU B 261 6.58 20.24 6.69
C LEU B 261 5.81 19.33 5.76
N ASP B 262 4.69 18.76 6.24
CA ASP B 262 3.96 17.80 5.43
C ASP B 262 3.11 18.47 4.35
N GLU B 263 2.55 17.64 3.47
CA GLU B 263 1.77 18.12 2.33
C GLU B 263 0.27 18.19 2.61
N GLY B 264 -0.39 19.16 2.00
CA GLY B 264 -1.85 19.23 2.01
C GLY B 264 -2.39 19.27 3.42
N LEU B 265 -3.35 18.39 3.71
CA LEU B 265 -4.00 18.38 5.02
C LEU B 265 -3.01 18.04 6.12
N ASN B 266 -2.08 17.15 5.78
CA ASN B 266 -1.06 16.73 6.72
C ASN B 266 -0.22 17.91 7.19
N GLY B 267 -0.23 19.00 6.44
CA GLY B 267 0.58 20.15 6.76
C GLY B 267 -0.27 21.37 7.04
N GLU B 268 -1.59 21.23 6.99
CA GLU B 268 -2.47 22.38 7.17
C GLU B 268 -2.81 22.58 8.64
N ILE B 269 -2.52 23.76 9.16
CA ILE B 269 -2.56 23.95 10.60
C ILE B 269 -3.84 24.60 11.12
N VAL B 270 -4.34 24.02 12.20
CA VAL B 270 -5.49 24.53 12.94
C VAL B 270 -5.06 25.02 14.32
N TYR B 271 -5.40 26.25 14.67
CA TYR B 271 -5.05 26.79 15.98
C TYR B 271 -6.24 26.72 16.93
N SER B 272 -6.00 26.33 18.18
CA SER B 272 -7.09 26.24 19.15
C SER B 272 -6.53 26.50 20.53
N PHE B 273 -7.41 26.80 21.47
CA PHE B 273 -7.00 26.92 22.85
C PHE B 273 -6.64 25.55 23.37
N GLY B 274 -5.46 25.45 23.98
CA GLY B 274 -5.00 24.17 24.53
C GLY B 274 -5.86 23.73 25.70
N SER B 275 -5.85 22.43 26.00
CA SER B 275 -6.50 21.88 27.20
C SER B 275 -5.80 22.44 28.40
N HIS B 276 -4.61 22.96 28.12
CA HIS B 276 -3.75 23.55 29.09
C HIS B 276 -4.21 24.98 29.36
N ASN B 277 -5.42 25.15 29.87
CA ASN B 277 -5.96 26.48 30.11
C ASN B 277 -6.95 26.46 31.24
N ARG B 278 -7.09 27.61 31.89
CA ARG B 278 -8.14 27.79 32.90
C ARG B 278 -9.49 28.09 32.27
N ALA B 279 -10.55 27.67 32.94
CA ALA B 279 -11.89 28.04 32.55
C ALA B 279 -12.01 29.56 32.39
N GLY B 280 -12.61 30.01 31.30
CA GLY B 280 -12.82 31.43 31.15
C GLY B 280 -11.94 31.95 30.05
N VAL B 281 -10.94 31.17 29.63
CA VAL B 281 -10.05 31.70 28.61
C VAL B 281 -10.87 31.96 27.32
N ARG B 282 -11.85 31.12 27.04
CA ARG B 282 -12.68 31.23 25.85
C ARG B 282 -13.69 32.36 25.94
N GLU B 283 -13.95 32.81 27.16
CA GLU B 283 -14.86 33.91 27.36
C GLU B 283 -14.13 35.23 27.32
N LEU B 284 -12.85 35.22 27.68
CA LEU B 284 -12.10 36.45 27.75
C LEU B 284 -11.34 36.73 26.45
N PHE B 285 -10.91 35.67 25.79
CA PHE B 285 -10.16 35.79 24.55
C PHE B 285 -10.85 35.05 23.40
N ALA B 286 -10.47 35.42 22.18
CA ALA B 286 -10.91 34.71 20.99
C ALA B 286 -9.68 34.38 20.15
N LEU B 287 -9.75 33.30 19.38
CA LEU B 287 -8.61 32.86 18.63
C LEU B 287 -9.06 32.41 17.23
N ASP B 288 -8.53 33.03 16.18
CA ASP B 288 -8.87 32.55 14.85
C ASP B 288 -8.17 31.24 14.55
N LEU B 289 -8.95 30.21 14.23
CA LEU B 289 -8.40 28.87 14.06
C LEU B 289 -7.51 28.75 12.83
N VAL B 290 -7.64 29.66 11.87
CA VAL B 290 -6.80 29.65 10.66
C VAL B 290 -5.60 30.58 10.81
N THR B 291 -5.83 31.79 11.30
CA THR B 291 -4.76 32.78 11.27
C THR B 291 -3.92 32.82 12.52
N GLY B 292 -4.39 32.20 13.60
CA GLY B 292 -3.65 32.25 14.85
C GLY B 292 -3.68 33.61 15.55
N VAL B 293 -4.57 34.47 15.09
CA VAL B 293 -4.73 35.76 15.75
C VAL B 293 -5.59 35.67 17.02
N LEU B 294 -4.98 36.07 18.13
CA LEU B 294 -5.64 36.12 19.42
C LEU B 294 -6.15 37.54 19.68
N THR B 295 -7.43 37.66 20.01
CA THR B 295 -8.05 38.98 20.25
C THR B 295 -8.71 39.03 21.64
N ILE B 296 -8.98 40.24 22.11
CA ILE B 296 -9.79 40.41 23.31
C ILE B 296 -11.22 40.11 22.96
N LYS B 297 -11.87 39.33 23.82
CA LYS B 297 -13.27 39.03 23.65
C LYS B 297 -14.10 39.59 24.80
N GLY B 298 -13.65 39.38 26.03
CA GLY B 298 -14.38 39.85 27.20
C GLY B 298 -13.85 41.19 27.67
N ARG B 299 -13.92 41.44 28.98
CA ARG B 299 -13.39 42.70 29.51
C ARG B 299 -12.24 42.44 30.46
N LEU B 300 -11.06 42.97 30.14
CA LEU B 300 -9.94 42.89 31.07
C LEU B 300 -10.21 43.76 32.28
N ASP B 301 -9.55 43.43 33.39
CA ASP B 301 -9.63 44.27 34.56
C ASP B 301 -8.33 44.16 35.34
N PHE B 302 -7.61 45.28 35.45
CA PHE B 302 -6.27 45.28 36.01
C PHE B 302 -6.31 44.93 37.50
N GLU B 303 -7.33 45.37 38.20
CA GLU B 303 -7.42 45.09 39.63
C GLU B 303 -7.82 43.62 39.87
N ASP B 304 -8.55 43.03 38.94
CA ASP B 304 -8.94 41.62 39.09
C ASP B 304 -7.80 40.68 38.72
N THR B 305 -7.19 40.91 37.57
CA THR B 305 -6.13 40.02 37.10
C THR B 305 -5.11 40.78 36.27
N LYS B 306 -3.86 40.77 36.71
CA LYS B 306 -2.81 41.54 36.07
C LYS B 306 -2.12 40.80 34.93
N LEU B 307 -2.20 39.47 34.94
CA LEU B 307 -1.48 38.68 33.99
C LEU B 307 -2.30 37.45 33.61
N HIS B 308 -2.50 37.24 32.31
CA HIS B 308 -3.18 36.03 31.82
C HIS B 308 -2.17 35.16 31.09
N GLU B 309 -2.18 33.86 31.39
CA GLU B 309 -1.36 32.87 30.69
C GLU B 309 -2.23 32.05 29.76
N ILE B 310 -2.01 32.17 28.46
CA ILE B 310 -2.86 31.47 27.52
C ILE B 310 -2.05 30.46 26.72
N TYR B 311 -2.48 29.21 26.72
CA TYR B 311 -1.77 28.21 25.94
C TYR B 311 -2.52 27.96 24.65
N ILE B 312 -1.79 27.93 23.56
CA ILE B 312 -2.41 27.75 22.27
C ILE B 312 -1.82 26.50 21.63
N GLN B 313 -2.65 25.75 20.93
CA GLN B 313 -2.23 24.49 20.39
C GLN B 313 -2.31 24.60 18.88
N ALA B 314 -1.32 24.05 18.17
CA ALA B 314 -1.40 23.92 16.71
C ALA B 314 -1.45 22.43 16.35
N LYS B 315 -2.45 22.01 15.57
CA LYS B 315 -2.55 20.64 15.11
C LYS B 315 -2.83 20.64 13.61
N ASP B 316 -2.27 19.67 12.89
CA ASP B 316 -2.52 19.63 11.45
C ASP B 316 -3.82 18.86 11.23
N LYS B 317 -4.23 18.72 9.96
CA LYS B 317 -5.46 18.00 9.63
C LYS B 317 -5.17 16.58 9.12
N GLY B 318 -4.00 16.04 9.44
CA GLY B 318 -3.62 14.72 8.98
C GLY B 318 -3.89 13.63 10.02
N ALA B 319 -3.53 12.40 9.68
CA ALA B 319 -3.74 11.26 10.56
C ALA B 319 -2.78 11.32 11.74
N ASN B 320 -3.27 10.91 12.90
CA ASN B 320 -2.48 10.88 14.12
C ASN B 320 -1.75 12.19 14.36
N PRO B 321 -2.49 13.30 14.40
CA PRO B 321 -1.80 14.59 14.56
C PRO B 321 -1.04 14.71 15.89
N GLU B 322 0.15 15.30 15.82
CA GLU B 322 0.90 15.62 17.04
C GLU B 322 0.74 17.11 17.22
N GLY B 323 0.30 17.53 18.40
CA GLY B 323 0.10 18.96 18.63
C GLY B 323 1.40 19.65 18.98
N ALA B 324 1.51 20.91 18.57
CA ALA B 324 2.57 21.77 19.05
C ALA B 324 1.89 22.75 20.00
N HIS B 325 2.66 23.33 20.91
CA HIS B 325 2.09 24.22 21.91
C HIS B 325 2.92 25.46 22.06
N CYS B 326 2.24 26.58 22.33
CA CYS B 326 2.96 27.76 22.72
C CYS B 326 2.17 28.45 23.83
N LYS B 327 2.79 29.45 24.41
CA LYS B 327 2.19 30.18 25.51
C LYS B 327 2.18 31.67 25.21
N VAL B 328 1.07 32.32 25.46
CA VAL B 328 0.98 33.76 25.33
C VAL B 328 0.80 34.36 26.72
N LEU B 329 1.71 35.23 27.13
CA LEU B 329 1.60 35.95 28.40
C LEU B 329 0.99 37.30 28.10
N VAL B 330 -0.24 37.51 28.57
CA VAL B 330 -0.93 38.79 28.37
C VAL B 330 -0.89 39.59 29.67
N GLU B 331 -0.08 40.64 29.67
CA GLU B 331 0.03 41.55 30.80
C GLU B 331 -1.01 42.66 30.65
N VAL B 332 -1.87 42.79 31.64
CA VAL B 332 -2.88 43.83 31.66
C VAL B 332 -2.30 45.12 32.22
N VAL B 333 -2.45 46.22 31.48
CA VAL B 333 -1.88 47.50 31.83
C VAL B 333 -2.92 48.43 32.44
N ASP B 334 -2.60 48.97 33.61
CA ASP B 334 -3.55 49.79 34.33
C ASP B 334 -3.79 51.05 33.52
#